data_6AB6
#
_entry.id   6AB6
#
_cell.length_a   1.0
_cell.length_b   1.0
_cell.length_c   1.0
_cell.angle_alpha   90.00
_cell.angle_beta   90.00
_cell.angle_gamma   90.00
#
_symmetry.space_group_name_H-M   'P 1'
#
loop_
_entity.id
_entity.type
_entity.pdbx_description
1 polymer 'Capsid protein'
2 non-polymer 'CALCIUM ION'
#
_entity_poly.entity_id   1
_entity_poly.type   'polypeptide(L)'
_entity_poly.pdbx_seq_one_letter_code
;MKRKPNSNQNNNNNRGNGNGLRRVRGGRVSRRRVVINQSNQSMPVTSNGAPLQALTSYSRPNVNKISRLGPDSDFLTSVV
AKASTSIVTPADRILVKQPLSASSFPGTRITGLSSYWERYKWLSAVARYVPAVPNTVACQFVMYIDTDPLDDPSNISDDN
QIVRQAVSQAGSNQFNFNTSKTVPLIVRADNQYYYTGVDKQNLRFSLQGILYIIQVTDLINFNGELITQDLTCGSLFLDW
LVNFSIPQINPTSLTDVRVDKAVNFIKPEVSGVAEIQTVTGLSPSTSYLLTPAFLEQNFQSEAGIYILSATPVEGEGTIS
INMDPTVTTVSGFIKVKTDTFGTFDLSVVLTTASKKQTTGFNIIAATS
;
_entity_poly.pdbx_strand_id   A,B,C
#
# COMPACT_ATOMS: atom_id res chain seq x y z
N ILE A 66 -24.10 14.99 -6.78
CA ILE A 66 -24.01 13.61 -6.30
C ILE A 66 -25.33 12.90 -6.45
N SER A 67 -25.27 11.59 -6.63
CA SER A 67 -26.49 10.78 -6.74
C SER A 67 -26.64 9.91 -5.52
N ARG A 68 -27.75 10.10 -4.80
CA ARG A 68 -28.01 9.38 -3.56
C ARG A 68 -28.99 8.27 -3.84
N LEU A 69 -28.47 7.04 -3.97
CA LEU A 69 -29.28 5.89 -4.32
C LEU A 69 -29.58 5.07 -3.08
N GLY A 70 -30.82 4.62 -2.97
CA GLY A 70 -31.21 3.74 -1.89
C GLY A 70 -32.44 4.22 -1.16
N PRO A 71 -32.87 3.48 -0.11
CA PRO A 71 -32.23 2.25 0.38
C PRO A 71 -32.66 1.00 -0.36
N ASP A 72 -31.80 0.00 -0.41
CA ASP A 72 -32.05 -1.23 -1.15
C ASP A 72 -31.37 -2.39 -0.44
N SER A 73 -31.58 -3.59 -0.96
CA SER A 73 -31.02 -4.80 -0.39
C SER A 73 -30.18 -5.53 -1.44
N ASP A 74 -29.29 -6.40 -0.95
CA ASP A 74 -28.41 -7.19 -1.81
C ASP A 74 -28.10 -8.51 -1.13
N PHE A 75 -27.29 -9.32 -1.80
CA PHE A 75 -26.88 -10.63 -1.30
C PHE A 75 -25.36 -10.72 -1.30
N LEU A 76 -24.78 -11.05 -0.16
CA LEU A 76 -23.32 -11.10 -0.14
C LEU A 76 -22.83 -12.50 -0.44
N THR A 77 -23.10 -13.43 0.48
CA THR A 77 -22.56 -14.79 0.44
C THR A 77 -23.44 -15.70 1.28
N SER A 78 -23.10 -16.98 1.26
CA SER A 78 -23.47 -17.88 2.32
C SER A 78 -22.32 -18.00 3.30
N VAL A 79 -22.62 -18.43 4.52
CA VAL A 79 -21.63 -18.56 5.57
C VAL A 79 -21.64 -20.00 6.07
N VAL A 80 -20.45 -20.60 6.14
CA VAL A 80 -20.30 -22.01 6.48
C VAL A 80 -19.61 -22.08 7.84
N ALA A 81 -20.40 -22.34 8.88
CA ALA A 81 -19.82 -22.55 10.20
C ALA A 81 -19.14 -23.90 10.26
N LYS A 82 -17.96 -23.93 10.87
CA LYS A 82 -17.11 -25.10 10.81
C LYS A 82 -17.02 -25.76 12.17
N ALA A 83 -16.60 -27.02 12.17
CA ALA A 83 -16.66 -27.86 13.36
C ALA A 83 -15.44 -27.63 14.26
N SER A 84 -15.27 -28.54 15.23
CA SER A 84 -14.16 -28.42 16.16
C SER A 84 -12.85 -28.82 15.50
N THR A 85 -12.89 -29.84 14.64
CA THR A 85 -11.67 -30.36 14.04
C THR A 85 -11.12 -29.40 13.00
N SER A 86 -12.01 -28.67 12.33
CA SER A 86 -11.58 -27.70 11.33
C SER A 86 -11.00 -26.43 11.94
N ILE A 87 -11.21 -26.19 13.23
CA ILE A 87 -10.59 -25.08 13.94
C ILE A 87 -9.38 -25.65 14.66
N VAL A 88 -8.19 -25.39 14.11
CA VAL A 88 -6.95 -25.77 14.76
C VAL A 88 -6.21 -24.56 15.31
N THR A 89 -6.07 -23.49 14.53
CA THR A 89 -5.48 -22.24 14.92
C THR A 89 -6.61 -21.26 15.21
N PRO A 90 -6.35 -20.20 16.00
CA PRO A 90 -7.37 -19.16 16.17
C PRO A 90 -7.59 -18.32 14.92
N ALA A 91 -6.68 -18.42 13.94
CA ALA A 91 -6.92 -17.79 12.65
C ALA A 91 -7.97 -18.52 11.84
N ASP A 92 -8.27 -19.78 12.19
CA ASP A 92 -9.28 -20.54 11.46
C ASP A 92 -10.70 -20.10 11.81
N ARG A 93 -10.88 -19.35 12.89
CA ARG A 93 -12.21 -18.95 13.31
C ARG A 93 -12.84 -17.89 12.41
N ILE A 94 -12.07 -17.25 11.54
CA ILE A 94 -12.62 -16.26 10.64
C ILE A 94 -13.40 -16.99 9.56
N LEU A 95 -14.73 -16.96 9.67
CA LEU A 95 -15.56 -17.66 8.70
C LEU A 95 -15.58 -16.94 7.37
N VAL A 96 -15.90 -15.65 7.37
CA VAL A 96 -15.92 -14.86 6.16
C VAL A 96 -14.98 -13.67 6.32
N LYS A 97 -14.28 -13.34 5.24
CA LYS A 97 -13.53 -12.10 5.14
C LYS A 97 -14.10 -11.40 3.91
N GLN A 98 -15.20 -10.68 4.10
CA GLN A 98 -15.91 -10.10 2.99
C GLN A 98 -15.67 -8.61 2.94
N PRO A 99 -15.01 -8.09 1.91
CA PRO A 99 -14.86 -6.64 1.78
C PRO A 99 -16.18 -5.98 1.43
N LEU A 100 -16.52 -4.93 2.17
CA LEU A 100 -17.75 -4.19 1.93
C LEU A 100 -17.51 -2.95 1.10
N SER A 101 -16.61 -3.04 0.14
CA SER A 101 -16.64 -2.04 -0.92
C SER A 101 -17.87 -2.27 -1.78
N ALA A 102 -18.22 -1.24 -2.55
CA ALA A 102 -19.35 -1.39 -3.48
C ALA A 102 -19.00 -2.37 -4.60
N SER A 103 -17.74 -2.44 -4.99
CA SER A 103 -17.33 -3.17 -6.18
C SER A 103 -16.81 -4.56 -5.86
N SER A 104 -17.34 -5.23 -4.85
CA SER A 104 -16.78 -6.50 -4.42
C SER A 104 -17.79 -7.63 -4.33
N PHE A 105 -18.97 -7.49 -4.96
CA PHE A 105 -19.99 -8.53 -4.93
C PHE A 105 -20.51 -8.74 -6.35
N PRO A 106 -19.75 -9.44 -7.20
CA PRO A 106 -20.09 -9.48 -8.63
C PRO A 106 -21.39 -10.20 -8.90
N GLY A 107 -22.22 -9.57 -9.72
CA GLY A 107 -23.54 -10.07 -10.01
C GLY A 107 -24.64 -9.38 -9.25
N THR A 108 -24.32 -8.73 -8.13
CA THR A 108 -25.34 -8.05 -7.35
C THR A 108 -25.65 -6.69 -7.95
N ARG A 109 -26.52 -5.96 -7.26
CA ARG A 109 -27.03 -4.71 -7.80
C ARG A 109 -26.11 -3.53 -7.47
N ILE A 110 -25.49 -3.56 -6.29
CA ILE A 110 -24.62 -2.46 -5.90
C ILE A 110 -23.30 -2.52 -6.66
N THR A 111 -22.87 -3.72 -7.04
CA THR A 111 -21.62 -3.84 -7.78
C THR A 111 -21.79 -3.43 -9.22
N GLY A 112 -22.94 -3.74 -9.81
CA GLY A 112 -23.21 -3.30 -11.18
C GLY A 112 -23.35 -1.79 -11.27
N LEU A 113 -23.90 -1.18 -10.22
CA LEU A 113 -24.01 0.28 -10.20
C LEU A 113 -22.69 0.93 -9.86
N SER A 114 -21.79 0.19 -9.20
CA SER A 114 -20.53 0.77 -8.74
C SER A 114 -19.60 1.09 -9.89
N SER A 115 -19.73 0.39 -11.00
CA SER A 115 -18.86 0.64 -12.14
C SER A 115 -19.35 1.78 -13.01
N TYR A 116 -20.27 2.61 -12.54
CA TYR A 116 -20.72 3.75 -13.34
C TYR A 116 -20.49 5.07 -12.62
N TRP A 117 -19.64 5.09 -11.62
CA TRP A 117 -19.28 6.29 -10.90
C TRP A 117 -17.88 6.15 -10.32
N GLU A 118 -17.23 7.30 -10.10
CA GLU A 118 -15.90 7.29 -9.53
C GLU A 118 -15.90 6.84 -8.08
N ARG A 119 -16.73 7.46 -7.24
CA ARG A 119 -16.55 7.42 -5.80
C ARG A 119 -17.84 7.03 -5.12
N TYR A 120 -17.72 6.41 -3.96
CA TYR A 120 -18.89 6.03 -3.20
C TYR A 120 -18.69 6.42 -1.75
N LYS A 121 -19.79 6.43 -1.01
CA LYS A 121 -19.73 6.55 0.44
C LYS A 121 -20.99 5.93 1.00
N TRP A 122 -20.85 4.95 1.89
CA TRP A 122 -22.03 4.36 2.51
C TRP A 122 -22.60 5.34 3.52
N LEU A 123 -23.81 5.83 3.27
CA LEU A 123 -24.47 6.61 4.29
C LEU A 123 -24.95 5.71 5.42
N SER A 124 -25.74 4.70 5.07
CA SER A 124 -26.20 3.71 6.01
C SER A 124 -26.13 2.36 5.33
N ALA A 125 -25.23 1.51 5.81
CA ALA A 125 -25.00 0.20 5.19
C ALA A 125 -25.00 -0.84 6.31
N VAL A 126 -26.15 -1.46 6.53
CA VAL A 126 -26.32 -2.42 7.60
C VAL A 126 -26.40 -3.81 6.99
N ALA A 127 -25.53 -4.70 7.45
CA ALA A 127 -25.49 -6.06 6.96
C ALA A 127 -26.35 -6.94 7.84
N ARG A 128 -27.18 -7.77 7.21
CA ARG A 128 -28.23 -8.51 7.89
C ARG A 128 -27.95 -10.00 7.68
N TYR A 129 -28.28 -10.81 8.68
CA TYR A 129 -28.03 -12.24 8.65
C TYR A 129 -29.33 -12.98 8.89
N VAL A 130 -29.63 -13.98 8.06
CA VAL A 130 -30.74 -14.88 8.36
C VAL A 130 -30.16 -16.28 8.52
N PRO A 131 -30.74 -17.12 9.36
CA PRO A 131 -30.21 -18.47 9.51
C PRO A 131 -30.91 -19.43 8.56
N ALA A 132 -30.15 -20.44 8.16
CA ALA A 132 -30.68 -21.52 7.34
C ALA A 132 -30.47 -22.85 8.01
N VAL A 133 -30.83 -22.94 9.29
CA VAL A 133 -30.34 -24.00 10.15
C VAL A 133 -31.46 -24.26 11.17
N PRO A 134 -31.64 -25.49 11.65
CA PRO A 134 -32.67 -25.75 12.66
C PRO A 134 -32.25 -25.22 14.02
N ASN A 135 -33.22 -25.17 14.93
CA ASN A 135 -32.99 -24.68 16.29
C ASN A 135 -32.48 -25.77 17.22
N THR A 136 -31.88 -26.84 16.68
CA THR A 136 -31.32 -27.90 17.50
C THR A 136 -29.80 -27.98 17.36
N VAL A 137 -29.17 -27.00 16.73
CA VAL A 137 -27.72 -26.84 16.74
C VAL A 137 -27.41 -25.41 17.14
N ALA A 138 -26.29 -25.23 17.84
CA ALA A 138 -25.99 -23.94 18.44
C ALA A 138 -24.51 -23.65 18.30
N CYS A 139 -24.21 -22.41 17.93
CA CYS A 139 -22.86 -21.90 17.73
C CYS A 139 -22.91 -20.38 17.74
N GLN A 140 -22.27 -19.76 18.71
CA GLN A 140 -22.38 -18.31 18.87
C GLN A 140 -21.47 -17.62 17.88
N PHE A 141 -22.00 -16.64 17.16
CA PHE A 141 -21.20 -15.82 16.27
C PHE A 141 -21.01 -14.44 16.86
N VAL A 142 -19.98 -13.76 16.37
CA VAL A 142 -19.88 -12.31 16.50
C VAL A 142 -19.59 -11.78 15.10
N MET A 143 -20.12 -10.62 14.80
CA MET A 143 -20.10 -10.09 13.45
C MET A 143 -19.77 -8.61 13.53
N TYR A 144 -18.73 -8.20 12.82
CA TYR A 144 -18.36 -6.80 12.88
C TYR A 144 -17.84 -6.37 11.53
N ILE A 145 -17.85 -5.05 11.32
CA ILE A 145 -17.39 -4.45 10.07
C ILE A 145 -16.16 -3.63 10.43
N ASP A 146 -14.97 -4.16 10.14
CA ASP A 146 -13.75 -3.43 10.42
C ASP A 146 -13.58 -2.33 9.39
N THR A 147 -13.62 -1.09 9.85
CA THR A 147 -13.57 0.07 8.96
C THR A 147 -12.20 0.24 8.33
N ASP A 148 -11.13 -0.08 9.02
CA ASP A 148 -9.80 -0.11 8.43
C ASP A 148 -9.71 -1.37 7.60
N PRO A 149 -9.45 -1.28 6.30
CA PRO A 149 -9.36 -2.49 5.48
C PRO A 149 -8.00 -3.17 5.50
N LEU A 150 -6.98 -2.56 6.12
CA LEU A 150 -5.70 -3.23 6.28
C LEU A 150 -5.46 -3.78 7.68
N ASP A 151 -6.33 -3.48 8.65
CA ASP A 151 -6.28 -4.20 9.91
C ASP A 151 -6.69 -5.65 9.68
N ASP A 152 -5.79 -6.56 10.02
CA ASP A 152 -5.99 -7.94 9.63
C ASP A 152 -5.97 -8.82 10.87
N PRO A 153 -7.10 -9.39 11.27
CA PRO A 153 -7.12 -10.28 12.44
C PRO A 153 -6.67 -11.70 12.14
N SER A 154 -6.09 -11.96 10.97
CA SER A 154 -5.81 -13.32 10.53
C SER A 154 -4.52 -13.88 11.11
N ASN A 155 -3.87 -13.13 12.00
CA ASN A 155 -2.58 -13.52 12.55
C ASN A 155 -2.51 -13.22 14.05
N ILE A 156 -3.60 -13.54 14.74
CA ILE A 156 -3.69 -13.37 16.19
C ILE A 156 -3.67 -14.76 16.82
N SER A 157 -2.81 -14.93 17.82
CA SER A 157 -2.53 -16.25 18.37
C SER A 157 -3.47 -16.67 19.49
N ASP A 158 -4.25 -15.76 20.06
CA ASP A 158 -5.12 -16.08 21.17
C ASP A 158 -6.56 -16.09 20.70
N ASP A 159 -7.27 -17.19 20.99
CA ASP A 159 -8.62 -17.38 20.49
C ASP A 159 -9.61 -16.49 21.22
N ASN A 160 -9.26 -16.02 22.41
CA ASN A 160 -10.11 -15.06 23.09
C ASN A 160 -9.76 -13.64 22.69
N GLN A 161 -8.52 -13.39 22.28
CA GLN A 161 -8.15 -12.04 21.90
C GLN A 161 -8.73 -11.69 20.53
N ILE A 162 -8.97 -12.71 19.69
CA ILE A 162 -9.53 -12.44 18.37
C ILE A 162 -11.01 -12.12 18.48
N VAL A 163 -11.63 -12.49 19.59
CA VAL A 163 -13.05 -12.17 19.76
C VAL A 163 -13.23 -10.96 20.65
N ARG A 164 -12.22 -10.63 21.48
CA ARG A 164 -12.26 -9.35 22.17
C ARG A 164 -11.98 -8.22 21.19
N GLN A 165 -11.15 -8.50 20.18
CA GLN A 165 -10.93 -7.57 19.09
C GLN A 165 -12.18 -7.39 18.25
N ALA A 166 -13.08 -8.37 18.29
CA ALA A 166 -14.30 -8.31 17.50
C ALA A 166 -15.40 -7.56 18.24
N VAL A 167 -15.59 -7.85 19.53
CA VAL A 167 -16.73 -7.27 20.23
C VAL A 167 -16.46 -5.82 20.59
N SER A 168 -15.22 -5.37 20.51
CA SER A 168 -14.90 -4.00 20.88
C SER A 168 -15.02 -3.05 19.70
N GLN A 169 -15.07 -3.58 18.49
CA GLN A 169 -15.44 -2.79 17.32
C GLN A 169 -16.83 -2.18 17.51
N ALA A 170 -16.96 -0.92 17.11
CA ALA A 170 -18.24 -0.24 17.20
C ALA A 170 -19.24 -0.87 16.25
N GLY A 171 -20.47 -1.03 16.73
CA GLY A 171 -21.53 -1.59 15.93
C GLY A 171 -21.44 -3.08 15.71
N SER A 172 -20.59 -3.80 16.43
CA SER A 172 -20.53 -5.25 16.32
C SER A 172 -21.76 -5.87 16.96
N ASN A 173 -22.05 -7.13 16.63
CA ASN A 173 -23.23 -7.77 17.20
C ASN A 173 -22.90 -9.22 17.50
N GLN A 174 -23.48 -9.73 18.60
CA GLN A 174 -23.14 -11.03 19.11
C GLN A 174 -24.41 -11.86 19.15
N PHE A 175 -24.43 -12.96 18.41
CA PHE A 175 -25.66 -13.71 18.27
C PHE A 175 -25.36 -15.19 18.13
N ASN A 176 -26.28 -16.00 18.63
CA ASN A 176 -26.31 -17.40 18.26
C ASN A 176 -26.72 -17.50 16.80
N PHE A 177 -26.20 -18.50 16.10
CA PHE A 177 -26.27 -18.46 14.64
C PHE A 177 -27.60 -18.94 14.10
N ASN A 178 -28.53 -19.34 14.97
CA ASN A 178 -29.92 -19.56 14.58
C ASN A 178 -30.82 -18.41 15.01
N THR A 179 -30.32 -17.19 14.92
CA THR A 179 -31.07 -15.98 15.27
C THR A 179 -30.68 -14.88 14.30
N SER A 180 -31.69 -14.25 13.70
CA SER A 180 -31.45 -13.18 12.74
C SER A 180 -31.11 -11.88 13.44
N LYS A 181 -30.00 -11.25 13.03
CA LYS A 181 -29.55 -10.00 13.61
C LYS A 181 -28.94 -9.12 12.53
N THR A 182 -28.60 -7.89 12.91
CA THR A 182 -28.06 -6.88 12.02
C THR A 182 -26.77 -6.31 12.58
N VAL A 183 -25.94 -5.75 11.70
CA VAL A 183 -24.70 -5.07 12.06
C VAL A 183 -24.58 -3.77 11.28
N PRO A 184 -24.53 -2.62 11.94
CA PRO A 184 -24.39 -1.36 11.20
C PRO A 184 -22.94 -0.94 11.02
N LEU A 185 -22.66 -0.39 9.84
CA LEU A 185 -21.37 0.22 9.55
C LEU A 185 -21.33 1.62 10.14
N ILE A 186 -20.30 1.90 10.93
CA ILE A 186 -20.15 3.23 11.51
C ILE A 186 -19.37 4.10 10.56
N VAL A 187 -19.92 5.25 10.20
CA VAL A 187 -19.31 6.09 9.19
C VAL A 187 -18.22 6.95 9.81
N ARG A 188 -17.38 7.51 8.95
CA ARG A 188 -16.28 8.36 9.35
C ARG A 188 -16.79 9.69 9.90
N ALA A 189 -15.92 10.38 10.65
CA ALA A 189 -16.28 11.70 11.15
C ALA A 189 -16.09 12.76 10.08
N ASP A 190 -15.10 12.60 9.22
CA ASP A 190 -14.89 13.51 8.10
C ASP A 190 -15.69 13.03 6.90
N ASN A 191 -15.40 13.58 5.73
CA ASN A 191 -16.15 13.30 4.51
C ASN A 191 -15.16 12.76 3.48
N GLN A 192 -14.93 11.46 3.50
CA GLN A 192 -14.04 10.83 2.53
C GLN A 192 -14.86 10.02 1.55
N TYR A 193 -14.58 10.20 0.26
CA TYR A 193 -15.18 9.38 -0.79
C TYR A 193 -14.17 8.37 -1.28
N TYR A 194 -14.36 7.12 -0.87
CA TYR A 194 -13.57 6.01 -1.36
C TYR A 194 -13.89 5.73 -2.81
N TYR A 195 -12.89 5.27 -3.55
CA TYR A 195 -13.05 5.12 -4.99
C TYR A 195 -13.79 3.83 -5.29
N THR A 196 -14.51 3.80 -6.40
CA THR A 196 -15.21 2.60 -6.80
C THR A 196 -14.30 1.72 -7.64
N GLY A 197 -14.87 0.70 -8.27
CA GLY A 197 -14.08 -0.10 -9.15
C GLY A 197 -13.24 -1.13 -8.40
N VAL A 198 -12.53 -1.95 -9.19
CA VAL A 198 -11.75 -3.07 -8.69
C VAL A 198 -10.53 -2.52 -7.96
N ASP A 199 -9.86 -3.37 -7.19
CA ASP A 199 -8.76 -2.97 -6.31
C ASP A 199 -7.54 -2.52 -7.12
N LYS A 200 -6.68 -1.76 -6.46
CA LYS A 200 -5.46 -1.19 -7.03
C LYS A 200 -4.34 -1.36 -6.02
N GLN A 201 -3.30 -0.52 -6.13
CA GLN A 201 -2.12 -0.54 -5.27
C GLN A 201 -2.43 -0.53 -3.78
N ASN A 202 -3.08 0.53 -3.30
CA ASN A 202 -3.36 0.63 -1.89
C ASN A 202 -4.81 0.26 -1.63
N LEU A 203 -5.01 -0.59 -0.64
CA LEU A 203 -6.31 -1.16 -0.33
C LEU A 203 -7.13 -0.27 0.60
N ARG A 204 -6.58 0.86 1.02
CA ARG A 204 -7.29 1.84 1.84
C ARG A 204 -7.93 2.96 1.03
N PHE A 205 -7.81 2.93 -0.29
CA PHE A 205 -8.47 3.94 -1.12
C PHE A 205 -9.83 3.52 -1.62
N SER A 206 -10.13 2.24 -1.64
CA SER A 206 -11.32 1.80 -2.37
C SER A 206 -12.18 0.85 -1.56
N LEU A 207 -11.90 0.70 -0.27
CA LEU A 207 -12.71 -0.15 0.60
C LEU A 207 -13.11 0.64 1.83
N GLN A 208 -14.39 0.60 2.17
CA GLN A 208 -14.83 1.29 3.37
C GLN A 208 -14.85 0.36 4.57
N GLY A 209 -15.05 -0.93 4.35
CA GLY A 209 -14.99 -1.84 5.47
C GLY A 209 -14.86 -3.27 4.99
N ILE A 210 -14.47 -4.14 5.91
CA ILE A 210 -14.44 -5.57 5.66
C ILE A 210 -15.34 -6.23 6.68
N LEU A 211 -16.23 -7.11 6.22
CA LEU A 211 -17.13 -7.83 7.10
C LEU A 211 -16.48 -9.13 7.56
N TYR A 212 -16.47 -9.33 8.87
CA TYR A 212 -15.94 -10.53 9.49
C TYR A 212 -17.03 -11.19 10.32
N ILE A 213 -17.03 -12.52 10.35
CA ILE A 213 -17.86 -13.29 11.27
C ILE A 213 -16.97 -14.30 11.95
N ILE A 214 -16.78 -14.16 13.25
CA ILE A 214 -15.89 -15.01 14.03
C ILE A 214 -16.73 -16.06 14.74
N GLN A 215 -16.36 -17.31 14.58
CA GLN A 215 -16.97 -18.39 15.33
C GLN A 215 -16.34 -18.46 16.72
N VAL A 216 -17.11 -18.15 17.76
CA VAL A 216 -16.54 -18.04 19.10
C VAL A 216 -16.74 -19.28 19.94
N THR A 217 -17.55 -20.23 19.50
CA THR A 217 -17.87 -21.42 20.28
C THR A 217 -17.98 -22.58 19.30
N ASP A 218 -17.61 -23.78 19.74
CA ASP A 218 -17.73 -24.97 18.92
C ASP A 218 -19.19 -25.26 18.56
N LEU A 219 -19.39 -25.79 17.37
CA LEU A 219 -20.72 -26.17 16.90
C LEU A 219 -21.20 -27.38 17.69
N ILE A 220 -22.48 -27.40 18.05
CA ILE A 220 -22.98 -28.37 19.01
C ILE A 220 -24.27 -28.98 18.45
N ASN A 221 -24.69 -30.12 18.99
CA ASN A 221 -25.91 -30.78 18.55
C ASN A 221 -27.06 -30.54 19.53
N PHE A 222 -28.14 -31.32 19.36
CA PHE A 222 -29.30 -31.22 20.25
C PHE A 222 -28.99 -31.72 21.65
N ASN A 223 -27.98 -32.57 21.81
CA ASN A 223 -27.72 -33.24 23.07
C ASN A 223 -26.47 -32.68 23.76
N GLY A 224 -25.82 -31.69 23.18
CA GLY A 224 -24.63 -31.12 23.76
C GLY A 224 -23.33 -31.74 23.32
N GLU A 225 -23.34 -32.57 22.28
CA GLU A 225 -22.13 -33.19 21.77
C GLU A 225 -21.66 -32.45 20.52
N LEU A 226 -20.40 -32.64 20.18
CA LEU A 226 -19.78 -31.83 19.14
C LEU A 226 -20.20 -32.30 17.75
N ILE A 227 -20.57 -31.35 16.91
CA ILE A 227 -20.78 -31.64 15.49
C ILE A 227 -19.44 -31.93 14.84
N THR A 228 -19.40 -32.98 14.02
CA THR A 228 -18.17 -33.41 13.38
C THR A 228 -18.05 -33.00 11.92
N GLN A 229 -19.01 -32.24 11.39
CA GLN A 229 -18.96 -31.81 10.00
C GLN A 229 -19.22 -30.32 9.92
N ASP A 230 -18.53 -29.66 8.99
CA ASP A 230 -18.75 -28.23 8.78
C ASP A 230 -20.08 -28.02 8.07
N LEU A 231 -20.76 -26.94 8.41
CA LEU A 231 -22.15 -26.76 8.02
C LEU A 231 -22.37 -25.37 7.45
N THR A 232 -22.87 -25.30 6.22
CA THR A 232 -23.40 -24.05 5.68
C THR A 232 -24.65 -23.67 6.46
N CYS A 233 -24.69 -22.45 6.97
CA CYS A 233 -25.61 -22.15 8.05
C CYS A 233 -26.51 -20.96 7.80
N GLY A 234 -26.13 -20.03 6.95
CA GLY A 234 -26.93 -18.85 6.78
C GLY A 234 -26.49 -18.05 5.58
N SER A 235 -26.93 -16.80 5.54
CA SER A 235 -26.63 -15.93 4.42
C SER A 235 -26.56 -14.50 4.93
N LEU A 236 -25.83 -13.68 4.21
CA LEU A 236 -25.65 -12.28 4.57
C LEU A 236 -26.31 -11.39 3.51
N PHE A 237 -27.02 -10.39 3.96
CA PHE A 237 -27.72 -9.47 3.09
C PHE A 237 -27.39 -8.04 3.52
N LEU A 238 -27.01 -7.21 2.56
CA LEU A 238 -26.60 -5.85 2.84
C LEU A 238 -27.75 -4.91 2.53
N ASP A 239 -28.19 -4.16 3.54
CA ASP A 239 -29.19 -3.12 3.36
C ASP A 239 -28.45 -1.80 3.35
N TRP A 240 -28.42 -1.13 2.21
CA TRP A 240 -27.44 -0.09 1.98
C TRP A 240 -28.05 1.22 1.51
N LEU A 241 -27.22 2.26 1.56
CA LEU A 241 -27.57 3.61 1.13
C LEU A 241 -26.26 4.33 0.79
N VAL A 242 -26.19 4.91 -0.40
CA VAL A 242 -24.93 5.39 -0.96
C VAL A 242 -25.07 6.81 -1.46
N ASN A 243 -23.94 7.49 -1.57
CA ASN A 243 -23.74 8.57 -2.52
C ASN A 243 -22.87 8.04 -3.63
N PHE A 244 -22.95 8.67 -4.79
CA PHE A 244 -22.00 8.46 -5.87
C PHE A 244 -21.58 9.81 -6.42
N SER A 245 -20.50 9.84 -7.19
CA SER A 245 -20.06 11.09 -7.80
C SER A 245 -19.22 10.82 -9.04
N ILE A 246 -19.28 11.76 -9.99
CA ILE A 246 -18.44 11.83 -11.18
C ILE A 246 -18.60 10.59 -12.05
N PRO A 247 -19.65 10.52 -12.87
CA PRO A 247 -19.89 9.33 -13.69
C PRO A 247 -18.76 8.99 -14.65
N GLN A 248 -18.35 7.73 -14.59
CA GLN A 248 -17.33 7.16 -15.45
C GLN A 248 -17.93 5.86 -15.97
N ILE A 249 -17.26 5.20 -16.92
CA ILE A 249 -17.70 3.85 -17.25
C ILE A 249 -16.88 2.83 -16.48
N ASN A 250 -15.73 3.28 -15.91
CA ASN A 250 -14.90 2.55 -14.95
C ASN A 250 -14.41 1.24 -15.53
N PRO A 251 -13.34 1.25 -16.34
CA PRO A 251 -12.91 0.04 -17.07
C PRO A 251 -12.47 -1.14 -16.21
N THR A 252 -12.06 -2.23 -16.87
CA THR A 252 -11.87 -3.55 -16.28
C THR A 252 -13.15 -4.01 -15.60
N SER A 253 -14.19 -4.24 -16.41
CA SER A 253 -15.49 -4.65 -15.91
C SER A 253 -15.42 -6.01 -15.22
N LEU A 254 -16.44 -6.27 -14.40
CA LEU A 254 -16.43 -7.38 -13.47
C LEU A 254 -17.32 -8.55 -13.91
N THR A 255 -17.89 -8.48 -15.12
CA THR A 255 -18.75 -9.55 -15.59
C THR A 255 -17.93 -10.79 -15.91
N ASP A 256 -18.06 -11.81 -15.07
CA ASP A 256 -17.36 -13.07 -15.26
C ASP A 256 -18.14 -13.95 -16.21
N VAL A 257 -17.43 -14.64 -17.08
CA VAL A 257 -18.07 -15.55 -18.02
C VAL A 257 -18.13 -16.94 -17.40
N ARG A 258 -19.00 -17.77 -17.95
CA ARG A 258 -19.25 -19.09 -17.38
C ARG A 258 -19.82 -19.97 -18.48
N VAL A 259 -19.43 -21.24 -18.48
CA VAL A 259 -19.99 -22.23 -19.40
C VAL A 259 -21.48 -22.40 -19.08
N ASP A 260 -22.34 -22.07 -20.04
CA ASP A 260 -23.76 -22.19 -19.81
C ASP A 260 -24.21 -23.66 -19.85
N LYS A 261 -23.95 -24.35 -20.94
CA LYS A 261 -24.15 -25.79 -21.03
C LYS A 261 -23.27 -26.31 -22.16
N ALA A 262 -23.05 -27.62 -22.16
CA ALA A 262 -22.29 -28.28 -23.21
C ALA A 262 -23.21 -29.22 -23.95
N VAL A 263 -23.59 -28.82 -25.17
CA VAL A 263 -24.51 -29.61 -25.98
C VAL A 263 -23.77 -30.03 -27.24
N ASN A 264 -24.04 -31.25 -27.69
CA ASN A 264 -23.29 -31.86 -28.77
C ASN A 264 -23.99 -31.70 -30.11
N PHE A 265 -23.23 -31.92 -31.19
CA PHE A 265 -23.76 -31.77 -32.54
C PHE A 265 -24.73 -32.88 -32.89
N ILE A 266 -25.45 -32.68 -33.99
CA ILE A 266 -26.29 -33.73 -34.56
C ILE A 266 -25.44 -34.60 -35.47
N LYS A 267 -25.95 -35.78 -35.82
CA LYS A 267 -25.25 -36.74 -36.66
C LYS A 267 -26.07 -36.89 -37.95
N PRO A 268 -25.75 -36.11 -38.98
CA PRO A 268 -26.57 -36.15 -40.20
C PRO A 268 -26.36 -37.43 -40.99
N GLU A 269 -27.27 -37.66 -41.94
CA GLU A 269 -27.29 -38.91 -42.68
C GLU A 269 -26.36 -38.89 -43.90
N VAL A 270 -26.58 -37.97 -44.83
CA VAL A 270 -25.87 -37.97 -46.11
C VAL A 270 -24.72 -36.99 -46.00
N SER A 271 -23.53 -37.43 -46.41
CA SER A 271 -22.32 -36.63 -46.29
C SER A 271 -22.34 -35.44 -47.24
N GLY A 272 -21.59 -34.41 -46.89
CA GLY A 272 -21.48 -33.23 -47.73
C GLY A 272 -22.72 -32.36 -47.76
N VAL A 273 -23.66 -32.58 -46.85
CA VAL A 273 -24.94 -31.88 -46.83
C VAL A 273 -24.94 -31.00 -45.59
N ALA A 274 -25.41 -29.76 -45.73
CA ALA A 274 -25.61 -28.91 -44.57
C ALA A 274 -27.01 -29.10 -44.01
N GLU A 275 -27.10 -29.23 -42.70
CA GLU A 275 -28.38 -29.40 -42.02
C GLU A 275 -28.48 -28.39 -40.89
N ILE A 276 -29.70 -28.19 -40.43
CA ILE A 276 -29.98 -27.17 -39.43
C ILE A 276 -30.23 -27.82 -38.09
N GLN A 277 -29.35 -27.55 -37.13
CA GLN A 277 -29.49 -28.01 -35.76
C GLN A 277 -29.97 -26.85 -34.92
N THR A 278 -31.20 -26.94 -34.42
CA THR A 278 -31.77 -25.93 -33.55
C THR A 278 -31.61 -26.37 -32.11
N VAL A 279 -30.90 -25.58 -31.32
CA VAL A 279 -30.71 -25.84 -29.90
C VAL A 279 -31.57 -24.86 -29.10
N THR A 280 -32.32 -25.39 -28.15
CA THR A 280 -33.36 -24.65 -27.46
C THR A 280 -33.01 -24.53 -25.98
N GLY A 281 -33.87 -23.82 -25.26
CA GLY A 281 -33.76 -23.72 -23.83
C GLY A 281 -32.71 -22.76 -23.32
N LEU A 282 -32.30 -21.78 -24.12
CA LEU A 282 -31.34 -20.80 -23.66
C LEU A 282 -32.07 -19.49 -23.35
N SER A 283 -31.31 -18.44 -23.05
CA SER A 283 -31.95 -17.18 -22.68
C SER A 283 -32.31 -16.38 -23.93
N PRO A 284 -33.44 -15.68 -23.93
CA PRO A 284 -33.87 -14.98 -25.14
C PRO A 284 -33.06 -13.71 -25.38
N SER A 285 -32.65 -13.52 -26.63
CA SER A 285 -32.03 -12.30 -27.15
C SER A 285 -30.73 -11.96 -26.43
N THR A 286 -30.00 -12.99 -26.05
CA THR A 286 -28.70 -12.84 -25.40
C THR A 286 -27.61 -13.44 -26.28
N SER A 287 -26.47 -12.77 -26.34
CA SER A 287 -25.38 -13.20 -27.20
C SER A 287 -24.54 -14.27 -26.51
N TYR A 288 -24.19 -15.30 -27.26
CA TYR A 288 -23.45 -16.44 -26.74
C TYR A 288 -22.12 -16.59 -27.46
N LEU A 289 -21.38 -17.61 -27.05
CA LEU A 289 -20.09 -17.93 -27.64
C LEU A 289 -19.94 -19.44 -27.68
N LEU A 290 -19.49 -19.97 -28.80
CA LEU A 290 -19.46 -21.40 -29.04
C LEU A 290 -18.02 -21.85 -29.25
N THR A 291 -17.58 -22.82 -28.47
CA THR A 291 -16.25 -23.39 -28.65
C THR A 291 -16.38 -24.90 -28.81
N PRO A 292 -15.64 -25.49 -29.76
CA PRO A 292 -15.74 -26.93 -29.99
C PRO A 292 -15.06 -27.75 -28.92
N ALA A 293 -15.56 -28.97 -28.74
CA ALA A 293 -15.00 -29.90 -27.78
C ALA A 293 -15.40 -31.32 -28.18
N PHE A 294 -14.64 -32.30 -27.67
CA PHE A 294 -15.03 -33.70 -27.75
C PHE A 294 -14.35 -34.43 -26.60
N LEU A 295 -14.70 -35.70 -26.43
CA LEU A 295 -14.18 -36.49 -25.33
C LEU A 295 -14.12 -37.96 -25.73
N GLU A 296 -12.89 -38.48 -25.86
CA GLU A 296 -12.60 -39.92 -25.99
C GLU A 296 -13.27 -40.53 -27.22
N GLN A 297 -12.87 -40.06 -28.39
CA GLN A 297 -13.42 -40.55 -29.64
C GLN A 297 -12.33 -41.09 -30.55
N ASN A 298 -12.63 -42.20 -31.20
CA ASN A 298 -11.73 -42.81 -32.18
C ASN A 298 -12.19 -42.37 -33.55
N PHE A 299 -11.49 -41.38 -34.11
CA PHE A 299 -11.83 -40.83 -35.42
C PHE A 299 -11.25 -41.63 -36.58
N GLN A 300 -10.80 -42.86 -36.33
CA GLN A 300 -10.28 -43.75 -37.35
C GLN A 300 -10.93 -45.13 -37.28
N SER A 301 -12.21 -45.20 -36.90
CA SER A 301 -12.87 -46.48 -36.71
C SER A 301 -13.22 -47.15 -38.03
N GLU A 302 -13.40 -46.39 -39.10
CA GLU A 302 -13.55 -46.96 -40.44
C GLU A 302 -12.90 -45.99 -41.43
N ALA A 303 -13.17 -46.23 -42.71
CA ALA A 303 -12.57 -45.41 -43.76
C ALA A 303 -13.21 -44.02 -43.77
N GLY A 304 -12.37 -43.04 -44.06
CA GLY A 304 -12.80 -41.65 -44.12
C GLY A 304 -12.21 -40.81 -43.02
N ILE A 305 -12.10 -39.51 -43.32
CA ILE A 305 -11.55 -38.51 -42.42
C ILE A 305 -12.69 -37.70 -41.85
N TYR A 306 -12.79 -37.65 -40.53
CA TYR A 306 -13.88 -36.96 -39.86
C TYR A 306 -13.69 -35.45 -40.00
N ILE A 307 -14.42 -34.85 -40.94
CA ILE A 307 -14.35 -33.42 -41.17
C ILE A 307 -15.73 -32.84 -40.88
N LEU A 308 -15.79 -31.85 -40.01
CA LEU A 308 -17.02 -31.18 -39.64
C LEU A 308 -16.83 -29.68 -39.75
N SER A 309 -17.89 -28.98 -40.12
CA SER A 309 -17.88 -27.54 -40.18
C SER A 309 -19.25 -27.00 -39.80
N ALA A 310 -19.29 -26.21 -38.73
CA ALA A 310 -20.52 -25.63 -38.24
C ALA A 310 -20.46 -24.12 -38.40
N THR A 311 -21.43 -23.57 -39.12
CA THR A 311 -21.55 -22.15 -39.33
C THR A 311 -22.98 -21.73 -38.97
N PRO A 312 -23.15 -20.58 -38.33
CA PRO A 312 -24.50 -20.10 -38.03
C PRO A 312 -25.16 -19.55 -39.28
N VAL A 313 -26.48 -19.35 -39.18
CA VAL A 313 -27.21 -18.77 -40.30
C VAL A 313 -27.31 -17.26 -40.14
N GLU A 314 -27.05 -16.77 -38.93
CA GLU A 314 -27.16 -15.34 -38.62
C GLU A 314 -25.90 -14.79 -37.99
N GLY A 315 -25.21 -15.57 -37.16
CA GLY A 315 -24.09 -15.11 -36.39
C GLY A 315 -22.81 -14.94 -37.19
N GLU A 316 -21.69 -15.07 -36.51
CA GLU A 316 -20.39 -14.82 -37.12
C GLU A 316 -19.40 -15.87 -36.63
N GLY A 317 -18.63 -16.42 -37.57
CA GLY A 317 -17.58 -17.35 -37.24
C GLY A 317 -17.84 -18.75 -37.76
N THR A 318 -16.86 -19.62 -37.52
CA THR A 318 -16.96 -21.02 -37.93
C THR A 318 -16.55 -21.89 -36.76
N ILE A 319 -16.91 -23.17 -36.84
CA ILE A 319 -16.31 -24.23 -36.03
C ILE A 319 -15.75 -25.26 -37.00
N SER A 320 -14.51 -25.69 -36.77
CA SER A 320 -13.88 -26.69 -37.61
C SER A 320 -13.42 -27.86 -36.75
N ILE A 321 -13.92 -29.05 -37.07
CA ILE A 321 -13.45 -30.29 -36.48
C ILE A 321 -12.85 -31.09 -37.63
N ASN A 322 -11.53 -31.07 -37.75
CA ASN A 322 -10.82 -31.79 -38.79
C ASN A 322 -9.84 -32.72 -38.10
N MET A 323 -10.17 -34.02 -38.05
CA MET A 323 -9.32 -35.00 -37.43
C MET A 323 -8.47 -35.75 -38.44
N ASP A 324 -8.04 -35.07 -39.49
CA ASP A 324 -7.04 -35.58 -40.41
C ASP A 324 -5.73 -35.81 -39.65
N PRO A 325 -5.19 -37.04 -39.64
CA PRO A 325 -3.93 -37.28 -38.91
C PRO A 325 -2.72 -36.62 -39.53
N THR A 326 -2.80 -36.13 -40.76
CA THR A 326 -1.72 -35.33 -41.32
C THR A 326 -1.77 -33.88 -40.87
N VAL A 327 -2.94 -33.26 -40.86
CA VAL A 327 -3.12 -31.93 -40.27
C VAL A 327 -4.41 -31.89 -39.47
N THR A 328 -4.28 -31.91 -38.15
CA THR A 328 -5.41 -31.93 -37.24
C THR A 328 -5.70 -30.52 -36.77
N THR A 329 -6.95 -30.09 -36.93
CA THR A 329 -7.34 -28.73 -36.59
C THR A 329 -8.61 -28.76 -35.75
N VAL A 330 -8.51 -28.30 -34.51
CA VAL A 330 -9.67 -28.10 -33.66
C VAL A 330 -9.66 -26.63 -33.24
N SER A 331 -10.42 -25.81 -33.94
CA SER A 331 -10.37 -24.37 -33.72
C SER A 331 -11.69 -23.74 -34.17
N GLY A 332 -11.73 -22.42 -34.14
CA GLY A 332 -12.88 -21.66 -34.56
C GLY A 332 -13.85 -21.39 -33.41
N PHE A 333 -14.69 -20.37 -33.61
CA PHE A 333 -15.70 -20.03 -32.63
C PHE A 333 -16.85 -19.33 -33.33
N ILE A 334 -18.00 -19.29 -32.65
CA ILE A 334 -19.22 -18.69 -33.18
C ILE A 334 -19.80 -17.74 -32.14
N LYS A 335 -20.04 -16.50 -32.55
CA LYS A 335 -20.82 -15.55 -31.76
C LYS A 335 -22.19 -15.41 -32.41
N VAL A 336 -23.21 -15.93 -31.75
CA VAL A 336 -24.58 -15.85 -32.26
C VAL A 336 -25.49 -15.55 -31.07
N LYS A 337 -26.60 -14.87 -31.35
CA LYS A 337 -27.56 -14.52 -30.32
C LYS A 337 -28.88 -15.21 -30.62
N THR A 338 -29.71 -15.36 -29.61
CA THR A 338 -30.96 -16.08 -29.75
C THR A 338 -32.07 -15.17 -30.25
N ASP A 339 -33.21 -15.78 -30.53
CA ASP A 339 -34.43 -15.04 -30.84
C ASP A 339 -35.15 -14.73 -29.53
N THR A 340 -36.44 -14.38 -29.63
CA THR A 340 -37.23 -14.13 -28.43
C THR A 340 -37.57 -15.41 -27.67
N PHE A 341 -37.24 -16.58 -28.21
CA PHE A 341 -37.56 -17.85 -27.57
C PHE A 341 -36.35 -18.54 -26.96
N GLY A 342 -35.18 -17.89 -27.00
CA GLY A 342 -33.99 -18.52 -26.47
C GLY A 342 -33.43 -19.61 -27.33
N THR A 343 -33.71 -19.59 -28.63
CA THR A 343 -33.27 -20.63 -29.54
C THR A 343 -32.43 -20.02 -30.65
N PHE A 344 -31.59 -20.87 -31.25
CA PHE A 344 -30.84 -20.49 -32.44
C PHE A 344 -30.49 -21.75 -33.22
N ASP A 345 -29.92 -21.55 -34.40
CA ASP A 345 -29.67 -22.62 -35.34
C ASP A 345 -28.38 -22.37 -36.12
N LEU A 346 -27.74 -23.46 -36.55
CA LEU A 346 -26.45 -23.39 -37.21
C LEU A 346 -26.29 -24.58 -38.17
N SER A 347 -25.46 -24.38 -39.19
CA SER A 347 -25.39 -25.27 -40.34
C SER A 347 -24.25 -26.28 -40.16
N VAL A 348 -24.59 -27.53 -39.88
CA VAL A 348 -23.64 -28.59 -39.64
C VAL A 348 -23.46 -29.38 -40.93
N VAL A 349 -22.21 -29.59 -41.34
CA VAL A 349 -21.90 -30.37 -42.53
C VAL A 349 -20.78 -31.36 -42.19
N LEU A 350 -20.88 -32.57 -42.72
CA LEU A 350 -19.86 -33.59 -42.54
C LEU A 350 -19.40 -34.11 -43.89
N THR A 351 -18.10 -34.36 -44.01
CA THR A 351 -17.54 -34.90 -45.25
C THR A 351 -17.72 -36.41 -45.29
N THR A 352 -17.74 -37.07 -44.13
CA THR A 352 -18.06 -38.49 -44.04
C THR A 352 -19.08 -38.66 -42.93
N ALA A 353 -20.37 -38.62 -43.30
CA ALA A 353 -21.43 -38.73 -42.30
C ALA A 353 -21.69 -40.16 -41.87
N SER A 354 -21.12 -41.14 -42.59
CA SER A 354 -21.16 -42.52 -42.13
C SER A 354 -20.37 -42.73 -40.84
N LYS A 355 -19.32 -41.95 -40.62
CA LYS A 355 -18.55 -41.99 -39.38
C LYS A 355 -19.34 -41.23 -38.32
N LYS A 356 -19.80 -41.96 -37.31
CA LYS A 356 -20.69 -41.41 -36.28
C LYS A 356 -19.98 -41.07 -34.98
N GLN A 357 -18.75 -40.57 -35.05
CA GLN A 357 -18.10 -40.05 -33.86
C GLN A 357 -18.83 -38.80 -33.38
N THR A 358 -19.29 -38.84 -32.13
CA THR A 358 -19.99 -37.72 -31.52
C THR A 358 -19.00 -36.60 -31.23
N THR A 359 -19.48 -35.37 -31.31
CA THR A 359 -18.66 -34.19 -31.10
C THR A 359 -19.51 -33.14 -30.40
N GLY A 360 -18.93 -32.48 -29.43
CA GLY A 360 -19.66 -31.51 -28.65
C GLY A 360 -19.28 -30.10 -29.01
N PHE A 361 -19.93 -29.16 -28.33
CA PHE A 361 -19.49 -27.77 -28.35
C PHE A 361 -20.01 -27.10 -27.08
N ASN A 362 -19.13 -26.33 -26.46
CA ASN A 362 -19.47 -25.57 -25.26
C ASN A 362 -20.22 -24.31 -25.65
N ILE A 363 -21.01 -23.79 -24.71
CA ILE A 363 -21.72 -22.54 -24.90
C ILE A 363 -21.26 -21.59 -23.81
N ILE A 364 -20.43 -20.61 -24.17
CA ILE A 364 -19.87 -19.65 -23.24
C ILE A 364 -20.80 -18.45 -23.17
N ALA A 365 -21.20 -18.09 -21.96
CA ALA A 365 -22.12 -16.97 -21.77
C ALA A 365 -21.71 -16.16 -20.55
N ALA A 366 -21.84 -14.85 -20.67
CA ALA A 366 -21.62 -13.95 -19.54
C ALA A 366 -22.81 -14.08 -18.60
N THR A 367 -22.54 -14.50 -17.36
CA THR A 367 -23.62 -14.80 -16.42
C THR A 367 -24.25 -13.54 -15.82
N SER A 368 -23.47 -12.47 -15.66
CA SER A 368 -23.94 -11.24 -15.03
C SER A 368 -22.98 -10.09 -15.34
N ILE B 66 -14.66 12.05 17.13
CA ILE B 66 -15.58 12.79 17.97
C ILE B 66 -15.22 12.60 19.43
N SER B 67 -14.35 11.64 19.71
CA SER B 67 -13.83 11.42 21.05
C SER B 67 -12.61 12.32 21.21
N ARG B 68 -12.84 13.53 21.69
CA ARG B 68 -11.80 14.54 21.83
C ARG B 68 -11.15 14.41 23.21
N LEU B 69 -9.84 14.23 23.24
CA LEU B 69 -9.10 14.05 24.48
C LEU B 69 -7.94 15.04 24.55
N GLY B 70 -7.71 15.59 25.72
CA GLY B 70 -6.62 16.51 25.91
C GLY B 70 -7.07 17.84 26.49
N PRO B 71 -6.13 18.78 26.69
CA PRO B 71 -4.70 18.70 26.39
C PRO B 71 -3.87 18.05 27.50
N ASP B 72 -2.85 17.31 27.12
CA ASP B 72 -2.01 16.57 28.06
C ASP B 72 -0.56 16.76 27.68
N SER B 73 0.30 15.94 28.28
CA SER B 73 1.74 15.98 28.05
C SER B 73 2.32 14.58 27.97
N ASP B 74 3.18 14.35 26.99
CA ASP B 74 3.79 13.05 26.78
C ASP B 74 5.23 13.19 26.31
N PHE B 75 6.11 12.40 26.92
CA PHE B 75 7.54 12.41 26.63
C PHE B 75 7.83 11.56 25.41
N LEU B 76 8.40 12.18 24.36
CA LEU B 76 8.64 11.44 23.14
C LEU B 76 9.91 10.60 23.26
N THR B 77 11.06 11.28 23.31
CA THR B 77 12.38 10.66 23.36
C THR B 77 13.34 11.61 24.05
N SER B 78 14.52 11.09 24.36
CA SER B 78 15.65 11.92 24.73
C SER B 78 16.54 12.13 23.52
N VAL B 79 16.89 13.38 23.27
CA VAL B 79 17.69 13.74 22.10
C VAL B 79 19.16 13.67 22.47
N VAL B 80 19.95 13.06 21.60
CA VAL B 80 21.37 12.84 21.84
C VAL B 80 22.13 13.63 20.80
N ALA B 81 22.73 14.74 21.22
CA ALA B 81 23.63 15.47 20.34
C ALA B 81 24.89 14.66 20.11
N LYS B 82 25.48 14.81 18.94
CA LYS B 82 26.59 13.97 18.53
C LYS B 82 27.84 14.82 18.33
N ALA B 83 28.99 14.16 18.49
CA ALA B 83 30.27 14.84 18.40
C ALA B 83 30.61 15.21 16.96
N SER B 84 31.73 15.91 16.81
CA SER B 84 32.12 16.37 15.48
C SER B 84 32.66 15.22 14.62
N THR B 85 33.22 14.20 15.26
CA THR B 85 33.73 13.06 14.49
C THR B 85 32.60 12.14 14.07
N SER B 86 31.46 12.22 14.74
CA SER B 86 30.29 11.44 14.37
C SER B 86 29.50 12.07 13.24
N ILE B 87 29.87 13.27 12.80
CA ILE B 87 29.24 13.94 11.68
C ILE B 87 30.16 13.79 10.49
N VAL B 88 29.72 13.04 9.49
CA VAL B 88 30.52 12.83 8.28
C VAL B 88 29.81 13.35 7.03
N THR B 89 28.61 12.87 6.74
CA THR B 89 27.79 13.29 5.63
C THR B 89 26.80 14.32 6.12
N PRO B 90 26.18 15.11 5.22
CA PRO B 90 25.11 16.02 5.65
C PRO B 90 23.88 15.32 6.18
N ALA B 91 23.70 14.05 5.81
CA ALA B 91 22.60 13.25 6.37
C ALA B 91 22.82 12.96 7.85
N ASP B 92 24.06 13.04 8.32
CA ASP B 92 24.36 12.69 9.71
C ASP B 92 24.05 13.81 10.68
N ARG B 93 23.52 14.95 10.22
CA ARG B 93 23.13 16.02 11.13
C ARG B 93 21.73 15.85 11.67
N ILE B 94 20.95 14.92 11.13
CA ILE B 94 19.60 14.69 11.61
C ILE B 94 19.67 13.95 12.93
N LEU B 95 19.43 14.65 14.04
CA LEU B 95 19.54 14.01 15.34
C LEU B 95 18.39 13.06 15.59
N VAL B 96 17.16 13.56 15.50
CA VAL B 96 15.98 12.72 15.65
C VAL B 96 15.14 12.79 14.38
N LYS B 97 14.59 11.65 13.99
CA LYS B 97 13.61 11.59 12.92
C LYS B 97 12.42 10.85 13.54
N GLN B 98 11.57 11.61 14.21
CA GLN B 98 10.50 11.03 15.01
C GLN B 98 9.19 11.20 14.27
N PRO B 99 8.55 10.11 13.84
CA PRO B 99 7.21 10.23 13.28
C PRO B 99 6.21 10.68 14.32
N LEU B 100 5.36 11.63 13.95
CA LEU B 100 4.38 12.12 14.90
C LEU B 100 3.02 11.49 14.69
N SER B 101 2.99 10.23 14.30
CA SER B 101 1.77 9.48 14.46
C SER B 101 1.53 9.24 15.93
N ALA B 102 0.25 9.12 16.30
CA ALA B 102 -0.09 8.88 17.70
C ALA B 102 0.34 7.51 18.16
N SER B 103 0.47 6.57 17.22
CA SER B 103 0.88 5.20 17.53
C SER B 103 2.37 5.00 17.39
N SER B 104 3.18 6.03 17.66
CA SER B 104 4.60 5.95 17.39
C SER B 104 5.46 6.29 18.61
N PHE B 105 4.88 6.31 19.80
CA PHE B 105 5.63 6.62 21.02
C PHE B 105 5.32 5.53 22.05
N PRO B 106 5.87 4.33 21.88
CA PRO B 106 5.37 3.18 22.62
C PRO B 106 5.67 3.26 24.11
N GLY B 107 4.62 3.07 24.91
CA GLY B 107 4.70 3.21 26.34
C GLY B 107 4.06 4.45 26.90
N THR B 108 3.95 5.51 26.10
CA THR B 108 3.38 6.76 26.58
C THR B 108 1.86 6.67 26.62
N ARG B 109 1.25 7.77 27.06
CA ARG B 109 -0.20 7.76 27.24
C ARG B 109 -0.93 7.96 25.93
N ILE B 110 -0.35 8.73 25.00
CA ILE B 110 -1.03 8.98 23.73
C ILE B 110 -1.01 7.73 22.85
N THR B 111 0.04 6.93 22.97
CA THR B 111 0.13 5.73 22.15
C THR B 111 -0.74 4.61 22.69
N GLY B 112 -0.86 4.51 24.02
CA GLY B 112 -1.77 3.56 24.62
C GLY B 112 -3.21 3.85 24.26
N LEU B 113 -3.57 5.13 24.17
CA LEU B 113 -4.92 5.49 23.75
C LEU B 113 -5.12 5.27 22.27
N SER B 114 -4.05 5.45 21.47
CA SER B 114 -4.16 5.39 20.02
C SER B 114 -4.53 4.00 19.53
N SER B 115 -4.18 2.97 20.27
CA SER B 115 -4.55 1.62 19.89
C SER B 115 -6.00 1.27 20.22
N TYR B 116 -6.83 2.23 20.61
CA TYR B 116 -8.23 1.95 20.87
C TYR B 116 -9.16 2.83 20.06
N TRP B 117 -8.68 3.42 18.98
CA TRP B 117 -9.51 4.07 17.98
C TRP B 117 -8.85 3.89 16.63
N GLU B 118 -9.64 3.96 15.55
CA GLU B 118 -9.03 3.85 14.23
C GLU B 118 -8.32 5.13 13.83
N ARG B 119 -9.03 6.22 13.77
CA ARG B 119 -8.54 7.43 13.12
C ARG B 119 -8.29 8.49 14.17
N TYR B 120 -7.54 9.51 13.79
CA TYR B 120 -7.25 10.61 14.67
C TYR B 120 -6.92 11.85 13.85
N LYS B 121 -6.72 12.96 14.53
CA LYS B 121 -6.21 14.19 13.94
C LYS B 121 -5.73 15.07 15.08
N TRP B 122 -4.49 15.55 15.01
CA TRP B 122 -4.01 16.47 16.02
C TRP B 122 -4.69 17.82 15.82
N LEU B 123 -5.38 18.32 16.83
CA LEU B 123 -5.87 19.68 16.71
C LEU B 123 -4.78 20.68 17.08
N SER B 124 -3.95 20.30 18.03
CA SER B 124 -2.83 21.10 18.48
C SER B 124 -1.76 20.18 19.01
N ALA B 125 -0.66 20.08 18.27
CA ALA B 125 0.45 19.24 18.68
C ALA B 125 1.69 20.13 18.68
N VAL B 126 1.91 20.83 19.78
CA VAL B 126 3.07 21.69 19.96
C VAL B 126 4.11 20.90 20.75
N ALA B 127 5.28 20.71 20.15
CA ALA B 127 6.31 19.86 20.73
C ALA B 127 7.30 20.71 21.52
N ARG B 128 7.41 20.43 22.80
CA ARG B 128 8.09 21.31 23.75
C ARG B 128 9.41 20.67 24.15
N TYR B 129 10.51 21.28 23.75
CA TYR B 129 11.85 20.82 24.05
C TYR B 129 12.37 21.49 25.32
N VAL B 130 12.98 20.73 26.21
CA VAL B 130 13.64 21.33 27.36
C VAL B 130 15.11 20.94 27.32
N PRO B 131 16.01 21.75 27.87
CA PRO B 131 17.41 21.34 27.94
C PRO B 131 17.66 20.47 29.15
N ALA B 132 18.74 19.69 29.05
CA ALA B 132 19.24 18.89 30.16
C ALA B 132 20.74 19.10 30.30
N VAL B 133 21.21 20.30 30.00
CA VAL B 133 22.61 20.56 29.70
C VAL B 133 22.94 21.87 30.43
N PRO B 134 24.17 22.13 30.82
CA PRO B 134 24.50 23.42 31.43
C PRO B 134 24.48 24.53 30.39
N ASN B 135 24.51 25.76 30.89
CA ASN B 135 24.59 26.93 30.02
C ASN B 135 26.02 27.26 29.62
N THR B 136 26.99 26.47 30.04
CA THR B 136 28.40 26.72 29.77
C THR B 136 28.88 26.03 28.51
N VAL B 137 28.09 25.10 27.95
CA VAL B 137 28.42 24.46 26.69
C VAL B 137 27.49 25.05 25.64
N ALA B 138 27.88 24.89 24.37
CA ALA B 138 27.14 25.59 23.33
C ALA B 138 27.06 24.74 22.06
N CYS B 139 25.88 24.80 21.43
CA CYS B 139 25.55 24.19 20.15
C CYS B 139 24.22 24.78 19.72
N GLN B 140 23.84 24.61 18.46
CA GLN B 140 22.67 25.29 17.95
C GLN B 140 21.83 24.30 17.15
N PHE B 141 20.52 24.32 17.36
CA PHE B 141 19.62 23.39 16.70
C PHE B 141 18.63 24.14 15.83
N VAL B 142 18.13 23.42 14.82
CA VAL B 142 16.96 23.84 14.08
C VAL B 142 16.01 22.65 14.02
N MET B 143 14.72 22.93 14.12
CA MET B 143 13.72 21.95 14.48
C MET B 143 12.42 22.26 13.78
N TYR B 144 11.84 21.26 13.11
CA TYR B 144 10.64 21.51 12.34
C TYR B 144 9.84 20.23 12.27
N ILE B 145 8.64 20.33 11.71
CA ILE B 145 7.73 19.20 11.55
C ILE B 145 7.37 19.11 10.08
N ASP B 146 7.89 18.09 9.40
CA ASP B 146 7.58 17.90 7.99
C ASP B 146 6.19 17.30 7.88
N THR B 147 5.26 18.07 7.33
CA THR B 147 3.88 17.64 7.19
C THR B 147 3.73 16.49 6.21
N ASP B 148 4.50 16.48 5.12
CA ASP B 148 4.59 15.32 4.24
C ASP B 148 5.47 14.29 4.91
N PRO B 149 4.98 13.08 5.18
CA PRO B 149 5.83 12.06 5.79
C PRO B 149 6.79 11.38 4.83
N LEU B 150 6.77 11.71 3.54
CA LEU B 150 7.65 11.06 2.59
C LEU B 150 8.76 11.97 2.06
N ASP B 151 8.66 13.28 2.28
CA ASP B 151 9.77 14.16 1.93
C ASP B 151 10.94 13.90 2.87
N ASP B 152 11.96 13.23 2.34
CA ASP B 152 13.10 12.74 3.10
C ASP B 152 14.31 13.63 2.83
N PRO B 153 14.85 14.30 3.86
CA PRO B 153 16.02 15.15 3.64
C PRO B 153 17.34 14.41 3.69
N SER B 154 17.33 13.08 3.66
CA SER B 154 18.54 12.32 3.95
C SER B 154 19.45 12.17 2.74
N ASN B 155 18.99 12.55 1.55
CA ASN B 155 19.77 12.33 0.32
C ASN B 155 20.34 13.66 -0.19
N ILE B 156 20.50 14.63 0.70
CA ILE B 156 21.05 15.93 0.36
C ILE B 156 22.54 15.91 0.63
N SER B 157 23.33 16.20 -0.41
CA SER B 157 24.77 16.03 -0.35
C SER B 157 25.51 17.26 0.14
N ASP B 158 24.82 18.37 0.36
CA ASP B 158 25.44 19.61 0.83
C ASP B 158 25.00 19.85 2.27
N ASP B 159 25.92 20.38 3.07
CA ASP B 159 25.70 20.46 4.52
C ASP B 159 24.83 21.65 4.88
N ASN B 160 24.85 22.70 4.07
CA ASN B 160 24.03 23.88 4.36
C ASN B 160 22.65 23.76 3.75
N GLN B 161 22.49 22.91 2.74
CA GLN B 161 21.19 22.80 2.08
C GLN B 161 20.19 22.06 2.95
N ILE B 162 20.68 21.22 3.86
CA ILE B 162 19.77 20.45 4.69
C ILE B 162 19.20 21.32 5.82
N VAL B 163 19.89 22.41 6.14
CA VAL B 163 19.36 23.28 7.18
C VAL B 163 18.61 24.46 6.59
N ARG B 164 18.82 24.76 5.30
CA ARG B 164 17.93 25.68 4.62
C ARG B 164 16.63 24.98 4.26
N GLN B 165 16.68 23.66 4.14
CA GLN B 165 15.47 22.83 4.03
C GLN B 165 14.62 22.95 5.29
N ALA B 166 15.25 23.19 6.43
CA ALA B 166 14.53 23.22 7.71
C ALA B 166 13.80 24.53 7.91
N VAL B 167 14.52 25.66 7.80
CA VAL B 167 13.93 26.96 8.12
C VAL B 167 12.94 27.40 7.05
N SER B 168 12.95 26.76 5.88
CA SER B 168 12.00 27.11 4.84
C SER B 168 10.62 26.54 5.12
N GLN B 169 10.54 25.40 5.79
CA GLN B 169 9.27 24.84 6.23
C GLN B 169 8.59 25.78 7.22
N ALA B 170 7.32 26.02 6.98
CA ALA B 170 6.53 26.90 7.83
C ALA B 170 6.32 26.26 9.18
N GLY B 171 6.32 27.08 10.23
CA GLY B 171 6.23 26.57 11.57
C GLY B 171 7.54 26.07 12.16
N SER B 172 8.65 26.24 11.46
CA SER B 172 9.95 25.79 11.96
C SER B 172 10.47 26.73 13.05
N ASN B 173 11.63 26.39 13.60
CA ASN B 173 12.19 27.12 14.71
C ASN B 173 13.66 26.75 14.84
N GLN B 174 14.51 27.73 15.07
CA GLN B 174 15.89 27.46 15.47
C GLN B 174 16.12 28.06 16.84
N PHE B 175 17.07 27.49 17.56
CA PHE B 175 17.29 27.83 18.96
C PHE B 175 18.65 27.34 19.40
N ASN B 176 19.18 27.98 20.44
CA ASN B 176 20.29 27.42 21.17
C ASN B 176 19.74 26.30 22.03
N PHE B 177 20.55 25.28 22.29
CA PHE B 177 20.00 24.08 22.92
C PHE B 177 20.10 24.19 24.43
N ASN B 178 20.36 25.40 24.93
CA ASN B 178 20.44 25.71 26.34
C ASN B 178 19.12 26.26 26.87
N THR B 179 18.10 26.36 26.03
CA THR B 179 16.86 27.00 26.42
C THR B 179 15.68 26.18 25.90
N SER B 180 14.49 26.53 26.36
CA SER B 180 13.30 25.75 26.04
C SER B 180 12.48 26.43 24.96
N LYS B 181 12.46 25.83 23.77
CA LYS B 181 11.64 26.36 22.69
C LYS B 181 10.71 25.26 22.19
N THR B 182 9.71 25.67 21.41
CA THR B 182 8.63 24.79 20.97
C THR B 182 8.47 24.88 19.46
N VAL B 183 7.87 23.83 18.89
CA VAL B 183 7.50 23.83 17.48
C VAL B 183 6.05 23.39 17.35
N PRO B 184 5.17 24.21 16.79
CA PRO B 184 3.79 23.79 16.59
C PRO B 184 3.62 23.02 15.30
N LEU B 185 2.55 22.24 15.24
CA LEU B 185 2.23 21.49 14.04
C LEU B 185 1.26 22.30 13.19
N ILE B 186 1.62 22.53 11.93
CA ILE B 186 0.79 23.28 11.01
C ILE B 186 -0.41 22.44 10.61
N VAL B 187 -1.61 23.00 10.77
CA VAL B 187 -2.81 22.28 10.39
C VAL B 187 -2.93 22.23 8.87
N ARG B 188 -3.67 21.25 8.38
CA ARG B 188 -3.99 21.17 6.97
C ARG B 188 -5.02 22.23 6.60
N ALA B 189 -5.26 22.35 5.29
CA ALA B 189 -6.32 23.24 4.85
C ALA B 189 -7.65 22.51 4.85
N ASP B 190 -7.66 21.21 4.61
CA ASP B 190 -8.86 20.41 4.61
C ASP B 190 -9.02 19.69 5.96
N ASN B 191 -9.98 18.77 6.02
CA ASN B 191 -10.29 17.99 7.21
C ASN B 191 -9.99 16.54 6.88
N GLN B 192 -8.75 16.11 7.09
CA GLN B 192 -8.35 14.73 6.82
C GLN B 192 -7.97 14.04 8.12
N TYR B 193 -8.51 12.84 8.33
CA TYR B 193 -8.08 12.01 9.45
C TYR B 193 -7.05 10.99 8.99
N TYR B 194 -6.15 10.67 9.90
CA TYR B 194 -5.07 9.73 9.66
C TYR B 194 -5.27 8.52 10.55
N TYR B 195 -4.65 7.40 10.19
CA TYR B 195 -4.97 6.17 10.88
C TYR B 195 -3.98 5.92 12.00
N THR B 196 -4.42 5.20 13.02
CA THR B 196 -3.55 4.82 14.11
C THR B 196 -2.90 3.47 13.78
N GLY B 197 -2.28 2.87 14.78
CA GLY B 197 -1.63 1.60 14.57
C GLY B 197 -0.28 1.75 13.90
N VAL B 198 0.35 0.59 13.67
CA VAL B 198 1.66 0.55 13.04
C VAL B 198 1.50 0.89 11.56
N ASP B 199 2.60 1.30 10.93
CA ASP B 199 2.54 1.78 9.56
C ASP B 199 2.54 0.60 8.60
N LYS B 200 1.40 0.35 7.95
CA LYS B 200 1.31 -0.85 7.12
C LYS B 200 1.96 -0.67 5.76
N GLN B 201 1.37 0.16 4.90
CA GLN B 201 1.88 0.21 3.53
C GLN B 201 2.35 1.59 3.11
N ASN B 202 1.49 2.60 3.25
CA ASN B 202 1.81 3.96 2.84
C ASN B 202 1.85 4.85 4.07
N LEU B 203 2.92 5.63 4.19
CA LEU B 203 3.10 6.51 5.33
C LEU B 203 2.17 7.71 5.28
N ARG B 204 1.66 8.05 4.10
CA ARG B 204 0.80 9.22 4.00
C ARG B 204 -0.59 8.99 4.54
N PHE B 205 -0.93 7.76 4.92
CA PHE B 205 -2.17 7.51 5.63
C PHE B 205 -2.04 7.57 7.14
N SER B 206 -0.88 7.29 7.70
CA SER B 206 -0.82 7.09 9.14
C SER B 206 -0.01 8.13 9.88
N LEU B 207 0.79 8.93 9.20
CA LEU B 207 1.66 9.92 9.84
C LEU B 207 1.14 11.30 9.50
N GLN B 208 0.94 12.13 10.52
CA GLN B 208 0.61 13.52 10.25
C GLN B 208 1.85 14.37 10.07
N GLY B 209 2.89 14.13 10.86
CA GLY B 209 4.12 14.86 10.67
C GLY B 209 5.30 14.00 11.08
N ILE B 210 6.49 14.44 10.70
CA ILE B 210 7.73 13.86 11.18
C ILE B 210 8.58 14.96 11.78
N LEU B 211 8.84 14.85 13.08
CA LEU B 211 9.66 15.82 13.79
C LEU B 211 11.12 15.61 13.45
N TYR B 212 11.80 16.68 13.08
CA TYR B 212 13.23 16.65 12.83
C TYR B 212 13.93 17.62 13.76
N ILE B 213 15.16 17.30 14.14
CA ILE B 213 16.07 18.23 14.80
C ILE B 213 17.41 18.10 14.12
N ILE B 214 17.93 19.20 13.59
CA ILE B 214 19.16 19.19 12.81
C ILE B 214 20.22 19.92 13.62
N GLN B 215 21.37 19.29 13.79
CA GLN B 215 22.50 19.96 14.45
C GLN B 215 23.28 20.77 13.43
N VAL B 216 23.40 22.07 13.69
CA VAL B 216 24.05 22.99 12.76
C VAL B 216 25.41 23.46 13.26
N THR B 217 25.84 23.04 14.45
CA THR B 217 27.00 23.61 15.11
C THR B 217 27.76 22.49 15.81
N ASP B 218 29.09 22.55 15.75
CA ASP B 218 29.91 21.60 16.51
C ASP B 218 29.71 21.81 18.00
N LEU B 219 29.63 20.70 18.73
CA LEU B 219 29.31 20.73 20.16
C LEU B 219 30.57 21.13 20.94
N ILE B 220 30.58 22.34 21.48
CA ILE B 220 31.72 22.89 22.18
C ILE B 220 31.47 22.71 23.67
N ASN B 221 32.52 22.82 24.48
CA ASN B 221 32.34 22.84 25.92
C ASN B 221 32.72 24.21 26.49
N PHE B 222 32.74 24.30 27.81
CA PHE B 222 33.18 25.51 28.48
C PHE B 222 34.67 25.75 28.30
N ASN B 223 35.45 24.69 28.15
CA ASN B 223 36.90 24.79 28.10
C ASN B 223 37.41 25.08 26.69
N GLY B 224 36.53 25.47 25.76
CA GLY B 224 36.95 25.76 24.41
C GLY B 224 37.30 24.56 23.57
N GLU B 225 36.88 23.36 23.98
CA GLU B 225 37.20 22.14 23.26
C GLU B 225 35.93 21.55 22.67
N LEU B 226 36.10 20.65 21.71
CA LEU B 226 34.96 19.93 21.18
C LEU B 226 34.65 18.76 22.10
N ILE B 227 33.37 18.54 22.36
CA ILE B 227 32.96 17.33 23.07
C ILE B 227 33.26 16.13 22.19
N THR B 228 33.94 15.13 22.74
CA THR B 228 34.32 13.94 21.98
C THR B 228 33.33 12.80 22.14
N GLN B 229 32.27 12.98 22.92
CA GLN B 229 31.36 11.89 23.21
C GLN B 229 29.96 12.28 22.77
N ASP B 230 29.17 11.30 22.36
CA ASP B 230 27.77 11.57 22.06
C ASP B 230 27.03 11.87 23.35
N LEU B 231 26.45 13.07 23.42
CA LEU B 231 25.91 13.61 24.66
C LEU B 231 24.40 13.71 24.54
N THR B 232 23.69 13.16 25.52
CA THR B 232 22.25 13.43 25.62
C THR B 232 22.09 14.88 26.07
N CYS B 233 21.32 15.64 25.30
CA CYS B 233 21.29 17.09 25.48
C CYS B 233 19.93 17.66 25.81
N GLY B 234 18.91 16.84 25.91
CA GLY B 234 17.62 17.34 26.31
C GLY B 234 16.55 16.29 26.21
N SER B 235 15.31 16.75 26.17
CA SER B 235 14.17 15.87 26.08
C SER B 235 13.11 16.51 25.21
N LEU B 236 12.23 15.68 24.66
CA LEU B 236 11.14 16.16 23.82
C LEU B 236 9.81 15.79 24.44
N PHE B 237 8.97 16.78 24.65
CA PHE B 237 7.65 16.58 25.20
C PHE B 237 6.63 17.07 24.20
N LEU B 238 5.43 16.53 24.26
CA LEU B 238 4.36 16.86 23.33
C LEU B 238 3.17 17.39 24.11
N ASP B 239 2.63 18.51 23.67
CA ASP B 239 1.42 19.05 24.26
C ASP B 239 0.32 18.83 23.24
N TRP B 240 -0.47 17.78 23.44
CA TRP B 240 -1.30 17.25 22.38
C TRP B 240 -2.78 17.38 22.66
N LEU B 241 -3.54 17.50 21.58
CA LEU B 241 -5.00 17.60 21.61
C LEU B 241 -5.53 16.94 20.35
N VAL B 242 -6.28 15.85 20.53
CA VAL B 242 -6.63 14.94 19.44
C VAL B 242 -8.14 14.84 19.30
N ASN B 243 -8.57 14.42 18.12
CA ASN B 243 -9.87 13.78 17.93
C ASN B 243 -9.61 12.29 17.75
N PHE B 244 -10.67 11.51 17.79
CA PHE B 244 -10.60 10.10 17.42
C PHE B 244 -11.92 9.69 16.78
N SER B 245 -11.94 8.46 16.25
CA SER B 245 -13.18 7.86 15.78
C SER B 245 -13.02 6.36 15.73
N ILE B 246 -14.16 5.67 15.66
CA ILE B 246 -14.29 4.23 15.40
C ILE B 246 -13.56 3.39 16.44
N PRO B 247 -14.11 3.20 17.64
CA PRO B 247 -13.42 2.43 18.68
C PRO B 247 -13.20 0.98 18.28
N GLN B 248 -11.98 0.50 18.50
CA GLN B 248 -11.54 -0.83 18.06
C GLN B 248 -10.29 -1.18 18.86
N ILE B 249 -9.53 -2.19 18.39
CA ILE B 249 -8.42 -2.75 19.17
C ILE B 249 -7.07 -2.69 18.46
N ASN B 250 -7.03 -2.62 17.09
CA ASN B 250 -5.77 -2.61 16.31
C ASN B 250 -4.87 -3.80 16.59
N PRO B 251 -5.06 -4.94 15.87
CA PRO B 251 -4.49 -6.24 16.23
C PRO B 251 -3.01 -6.34 16.60
N THR B 252 -2.16 -5.50 16.02
CA THR B 252 -0.76 -5.52 16.45
C THR B 252 -0.60 -4.77 17.76
N SER B 253 -0.05 -5.46 18.75
CA SER B 253 0.22 -4.85 20.04
C SER B 253 1.45 -3.97 19.94
N LEU B 254 1.34 -2.76 20.51
CA LEU B 254 2.41 -1.78 20.42
C LEU B 254 3.33 -1.82 21.64
N THR B 255 3.32 -2.94 22.37
CA THR B 255 4.16 -3.12 23.54
C THR B 255 5.37 -3.97 23.20
N ASP B 256 6.37 -3.92 24.08
CA ASP B 256 7.62 -4.62 23.92
C ASP B 256 7.90 -5.45 25.16
N VAL B 257 8.39 -6.66 24.97
CA VAL B 257 8.68 -7.53 26.10
C VAL B 257 10.14 -7.38 26.49
N ARG B 258 10.46 -7.81 27.70
CA ARG B 258 11.81 -7.64 28.21
C ARG B 258 12.07 -8.70 29.26
N VAL B 259 13.26 -9.27 29.23
CA VAL B 259 13.69 -10.20 30.27
C VAL B 259 13.88 -9.38 31.54
N ASP B 260 12.99 -9.55 32.51
CA ASP B 260 12.97 -8.68 33.68
C ASP B 260 14.16 -8.94 34.61
N LYS B 261 14.30 -10.16 35.12
CA LYS B 261 15.50 -10.53 35.85
C LYS B 261 15.70 -12.03 35.72
N ALA B 262 16.89 -12.48 36.09
CA ALA B 262 17.25 -13.88 36.10
C ALA B 262 17.67 -14.28 37.51
N VAL B 263 17.05 -15.34 38.03
CA VAL B 263 17.38 -15.86 39.34
C VAL B 263 17.33 -17.38 39.29
N ASN B 264 18.27 -18.01 39.99
CA ASN B 264 18.46 -19.45 39.90
C ASN B 264 17.44 -20.22 40.72
N PHE B 265 17.26 -21.48 40.34
CA PHE B 265 16.47 -22.39 41.17
C PHE B 265 17.20 -22.68 42.47
N ILE B 266 16.43 -22.97 43.52
CA ILE B 266 17.00 -23.37 44.79
C ILE B 266 17.51 -24.80 44.68
N LYS B 267 18.33 -25.23 45.64
CA LYS B 267 18.91 -26.56 45.68
C LYS B 267 18.18 -27.34 46.76
N PRO B 268 17.25 -28.22 46.40
CA PRO B 268 16.51 -28.98 47.40
C PRO B 268 17.40 -30.03 48.04
N GLU B 269 17.10 -30.32 49.30
CA GLU B 269 17.97 -31.21 50.07
C GLU B 269 17.58 -32.67 49.91
N VAL B 270 16.30 -32.96 49.74
CA VAL B 270 15.79 -34.32 49.72
C VAL B 270 15.49 -34.70 48.27
N SER B 271 15.98 -35.87 47.86
CA SER B 271 15.74 -36.37 46.51
C SER B 271 14.27 -36.74 46.32
N GLY B 272 13.65 -36.15 45.30
CA GLY B 272 12.29 -36.51 44.95
C GLY B 272 11.21 -35.92 45.81
N VAL B 273 11.54 -34.90 46.61
CA VAL B 273 10.57 -34.21 47.46
C VAL B 273 10.59 -32.74 47.06
N ALA B 274 9.42 -32.18 46.79
CA ALA B 274 9.35 -30.80 46.32
C ALA B 274 9.30 -29.82 47.49
N GLU B 275 10.30 -28.95 47.55
CA GLU B 275 10.29 -27.82 48.46
C GLU B 275 10.01 -26.56 47.65
N ILE B 276 9.22 -25.68 48.24
CA ILE B 276 8.64 -24.56 47.51
C ILE B 276 9.58 -23.36 47.58
N GLN B 277 9.92 -22.82 46.43
CA GLN B 277 10.77 -21.64 46.32
C GLN B 277 9.91 -20.39 46.23
N THR B 278 10.02 -19.52 47.22
CA THR B 278 9.34 -18.24 47.23
C THR B 278 10.32 -17.17 46.76
N VAL B 279 9.98 -16.49 45.67
CA VAL B 279 10.79 -15.41 45.13
C VAL B 279 10.05 -14.10 45.34
N THR B 280 10.80 -13.04 45.60
CA THR B 280 10.27 -11.72 45.92
C THR B 280 10.79 -10.71 44.92
N GLY B 281 10.53 -9.43 45.22
CA GLY B 281 11.13 -8.35 44.50
C GLY B 281 10.49 -7.98 43.18
N LEU B 282 9.46 -8.70 42.76
CA LEU B 282 8.81 -8.42 41.50
C LEU B 282 7.63 -7.47 41.72
N SER B 283 7.01 -7.04 40.62
CA SER B 283 5.93 -6.09 40.72
C SER B 283 4.66 -6.79 41.17
N PRO B 284 3.80 -6.10 41.92
CA PRO B 284 2.60 -6.76 42.44
C PRO B 284 1.55 -6.98 41.36
N SER B 285 1.00 -8.19 41.36
CA SER B 285 -0.25 -8.55 40.66
C SER B 285 -0.14 -8.39 39.16
N THR B 286 1.04 -8.72 38.62
CA THR B 286 1.27 -8.74 37.19
C THR B 286 1.68 -10.14 36.77
N SER B 287 1.35 -10.50 35.53
CA SER B 287 1.63 -11.84 35.04
C SER B 287 3.02 -11.93 34.46
N TYR B 288 3.72 -13.03 34.75
CA TYR B 288 5.08 -13.24 34.29
C TYR B 288 5.18 -14.55 33.54
N LEU B 289 6.30 -14.71 32.84
CA LEU B 289 6.59 -15.91 32.08
C LEU B 289 7.98 -16.39 32.47
N LEU B 290 8.13 -17.71 32.61
CA LEU B 290 9.32 -18.29 33.21
C LEU B 290 9.93 -19.31 32.26
N THR B 291 11.16 -19.05 31.80
CA THR B 291 11.85 -19.98 30.93
C THR B 291 13.24 -20.25 31.48
N PRO B 292 13.68 -21.52 31.47
CA PRO B 292 14.95 -21.86 32.11
C PRO B 292 16.16 -21.47 31.27
N ALA B 293 17.24 -21.15 31.98
CA ALA B 293 18.50 -20.81 31.33
C ALA B 293 19.64 -21.07 32.31
N PHE B 294 20.59 -21.91 31.88
CA PHE B 294 21.71 -22.29 32.72
C PHE B 294 22.98 -22.27 31.88
N LEU B 295 24.08 -21.91 32.53
CA LEU B 295 25.32 -21.58 31.82
C LEU B 295 26.50 -22.25 32.50
N GLU B 296 27.21 -23.11 31.73
CA GLU B 296 28.48 -23.74 32.12
C GLU B 296 28.37 -24.55 33.40
N GLN B 297 27.57 -25.61 33.34
CA GLN B 297 27.42 -26.52 34.47
C GLN B 297 27.84 -27.93 34.07
N ASN B 298 28.81 -28.47 34.80
CA ASN B 298 29.28 -29.83 34.60
C ASN B 298 28.34 -30.74 35.38
N PHE B 299 27.34 -31.28 34.68
CA PHE B 299 26.40 -32.20 35.31
C PHE B 299 26.99 -33.59 35.50
N GLN B 300 28.07 -33.92 34.80
CA GLN B 300 28.70 -35.22 34.89
C GLN B 300 29.93 -35.20 35.79
N SER B 301 30.01 -34.22 36.70
CA SER B 301 31.10 -34.18 37.66
C SER B 301 30.92 -35.22 38.77
N GLU B 302 29.72 -35.74 38.95
CA GLU B 302 29.48 -36.82 39.90
C GLU B 302 28.41 -37.73 39.30
N ALA B 303 28.02 -38.75 40.08
CA ALA B 303 27.01 -39.68 39.62
C ALA B 303 25.61 -39.08 39.74
N GLY B 304 24.68 -39.63 38.98
CA GLY B 304 23.30 -39.17 39.00
C GLY B 304 22.93 -38.38 37.76
N ILE B 305 21.64 -38.13 37.64
CA ILE B 305 21.06 -37.37 36.52
C ILE B 305 20.27 -36.20 37.09
N TYR B 306 20.62 -34.99 36.64
CA TYR B 306 19.95 -33.78 37.08
C TYR B 306 18.57 -33.71 36.44
N ILE B 307 17.53 -34.06 37.19
CA ILE B 307 16.16 -34.00 36.69
C ILE B 307 15.38 -33.03 37.56
N LEU B 308 14.95 -31.92 36.97
CA LEU B 308 14.20 -30.89 37.67
C LEU B 308 12.78 -30.85 37.14
N SER B 309 11.84 -30.47 38.00
CA SER B 309 10.47 -30.26 37.61
C SER B 309 9.90 -29.09 38.40
N ALA B 310 9.55 -28.01 37.69
CA ALA B 310 9.06 -26.80 38.31
C ALA B 310 7.63 -26.54 37.87
N THR B 311 6.73 -26.44 38.84
CA THR B 311 5.33 -26.17 38.61
C THR B 311 4.89 -25.05 39.54
N PRO B 312 4.06 -24.12 39.07
CA PRO B 312 3.49 -23.14 39.98
C PRO B 312 2.35 -23.76 40.77
N VAL B 313 2.09 -23.19 41.94
CA VAL B 313 0.96 -23.65 42.72
C VAL B 313 -0.31 -22.93 42.28
N GLU B 314 -0.16 -21.90 41.45
CA GLU B 314 -1.28 -21.08 41.00
C GLU B 314 -1.49 -21.13 39.49
N GLY B 315 -0.45 -20.88 38.71
CA GLY B 315 -0.59 -20.68 37.27
C GLY B 315 -0.70 -21.96 36.47
N GLU B 316 0.03 -22.00 35.37
CA GLU B 316 0.01 -23.15 34.46
C GLU B 316 1.36 -23.30 33.79
N GLY B 317 1.82 -24.55 33.70
CA GLY B 317 3.02 -24.87 32.98
C GLY B 317 3.99 -25.70 33.78
N THR B 318 4.88 -26.39 33.06
CA THR B 318 5.91 -27.21 33.69
C THR B 318 7.23 -26.94 33.01
N ILE B 319 8.18 -26.36 33.75
CA ILE B 319 9.57 -26.29 33.33
C ILE B 319 10.23 -27.61 33.65
N SER B 320 10.78 -28.27 32.64
CA SER B 320 11.43 -29.56 32.81
C SER B 320 12.88 -29.44 32.37
N ILE B 321 13.80 -29.87 33.22
CA ILE B 321 15.22 -29.91 32.91
C ILE B 321 15.65 -31.36 33.05
N ASN B 322 15.99 -31.98 31.93
CA ASN B 322 16.39 -33.38 31.91
C ASN B 322 17.76 -33.46 31.27
N MET B 323 18.81 -33.46 32.10
CA MET B 323 20.18 -33.47 31.63
C MET B 323 20.74 -34.88 31.49
N ASP B 324 19.88 -35.86 31.27
CA ASP B 324 20.33 -37.18 30.84
C ASP B 324 20.86 -37.09 29.41
N PRO B 325 22.14 -37.41 29.18
CA PRO B 325 22.69 -37.24 27.82
C PRO B 325 22.16 -38.25 26.80
N THR B 326 21.38 -39.23 27.22
CA THR B 326 20.65 -40.08 26.27
C THR B 326 19.43 -39.38 25.69
N VAL B 327 18.52 -38.91 26.53
CA VAL B 327 17.40 -38.09 26.09
C VAL B 327 17.44 -36.74 26.80
N THR B 328 17.74 -35.69 26.04
CA THR B 328 17.84 -34.35 26.59
C THR B 328 16.51 -33.64 26.38
N THR B 329 16.01 -33.02 27.45
CA THR B 329 14.78 -32.24 27.39
C THR B 329 14.94 -31.01 28.27
N VAL B 330 15.25 -29.88 27.63
CA VAL B 330 15.30 -28.59 28.31
C VAL B 330 14.18 -27.76 27.70
N SER B 331 13.00 -27.81 28.31
CA SER B 331 11.82 -27.28 27.66
C SER B 331 10.79 -26.89 28.72
N GLY B 332 9.72 -26.26 28.25
CA GLY B 332 8.62 -25.88 29.09
C GLY B 332 8.69 -24.43 29.55
N PHE B 333 7.55 -23.95 30.03
CA PHE B 333 7.44 -22.55 30.45
C PHE B 333 6.32 -22.44 31.47
N ILE B 334 6.52 -21.57 32.45
CA ILE B 334 5.58 -21.35 33.53
C ILE B 334 4.97 -19.97 33.40
N LYS B 335 3.65 -19.92 33.25
CA LYS B 335 2.88 -18.69 33.32
C LYS B 335 2.32 -18.57 34.73
N VAL B 336 2.73 -17.54 35.46
CA VAL B 336 2.22 -17.32 36.80
C VAL B 336 2.25 -15.83 37.08
N LYS B 337 1.33 -15.38 37.94
CA LYS B 337 1.23 -13.98 38.32
C LYS B 337 1.49 -13.84 39.81
N THR B 338 2.07 -12.71 40.20
CA THR B 338 2.38 -12.48 41.60
C THR B 338 1.11 -12.18 42.39
N ASP B 339 1.24 -12.24 43.72
CA ASP B 339 0.16 -11.86 44.61
C ASP B 339 0.13 -10.34 44.76
N THR B 340 -0.56 -9.86 45.79
CA THR B 340 -0.61 -8.42 46.04
C THR B 340 0.72 -7.88 46.57
N PHE B 341 1.65 -8.75 46.95
CA PHE B 341 2.91 -8.34 47.55
C PHE B 341 4.11 -8.50 46.62
N GLY B 342 3.88 -8.81 45.34
CA GLY B 342 4.97 -8.94 44.41
C GLY B 342 5.77 -10.20 44.57
N THR B 343 5.18 -11.26 45.13
CA THR B 343 5.83 -12.53 45.32
C THR B 343 5.04 -13.63 44.64
N PHE B 344 5.74 -14.70 44.27
CA PHE B 344 5.07 -15.93 43.89
C PHE B 344 5.94 -17.09 44.31
N ASP B 345 5.39 -18.29 44.18
CA ASP B 345 6.04 -19.50 44.64
C ASP B 345 5.76 -20.67 43.71
N LEU B 346 6.71 -21.59 43.62
CA LEU B 346 6.63 -22.73 42.72
C LEU B 346 7.33 -23.93 43.33
N SER B 347 6.90 -25.12 42.91
CA SER B 347 7.35 -26.39 43.48
C SER B 347 8.58 -26.87 42.72
N VAL B 348 9.75 -26.75 43.34
CA VAL B 348 11.01 -27.20 42.77
C VAL B 348 11.35 -28.56 43.36
N VAL B 349 11.60 -29.53 42.51
CA VAL B 349 11.92 -30.89 42.94
C VAL B 349 13.04 -31.43 42.06
N LEU B 350 14.00 -32.12 42.69
CA LEU B 350 15.12 -32.75 42.00
C LEU B 350 15.14 -34.25 42.29
N THR B 351 15.34 -35.04 41.23
CA THR B 351 15.41 -36.50 41.39
C THR B 351 16.68 -36.91 42.12
N THR B 352 17.80 -36.26 41.81
CA THR B 352 19.06 -36.50 42.51
C THR B 352 19.46 -35.21 43.21
N ALA B 353 19.18 -35.14 44.51
CA ALA B 353 19.44 -33.93 45.28
C ALA B 353 20.92 -33.70 45.55
N SER B 354 21.76 -34.71 45.36
CA SER B 354 23.19 -34.56 45.57
C SER B 354 23.87 -33.74 44.48
N LYS B 355 23.23 -33.60 43.32
CA LYS B 355 23.80 -32.84 42.21
C LYS B 355 23.51 -31.36 42.42
N LYS B 356 24.50 -30.62 42.90
CA LYS B 356 24.32 -29.23 43.27
C LYS B 356 24.74 -28.25 42.17
N GLN B 357 24.56 -28.63 40.91
CA GLN B 357 24.80 -27.69 39.83
C GLN B 357 23.61 -26.75 39.67
N THR B 358 23.90 -25.45 39.67
CA THR B 358 22.86 -24.43 39.66
C THR B 358 22.20 -24.33 38.28
N THR B 359 20.90 -24.09 38.28
CA THR B 359 20.14 -23.89 37.07
C THR B 359 19.25 -22.67 37.28
N GLY B 360 19.20 -21.81 36.29
CA GLY B 360 18.47 -20.57 36.44
C GLY B 360 17.22 -20.57 35.62
N PHE B 361 16.51 -19.45 35.70
CA PHE B 361 15.36 -19.20 34.84
C PHE B 361 15.24 -17.71 34.64
N ASN B 362 14.59 -17.35 33.54
CA ASN B 362 14.43 -15.95 33.15
C ASN B 362 12.98 -15.54 33.34
N ILE B 363 12.78 -14.38 33.95
CA ILE B 363 11.45 -13.87 34.21
C ILE B 363 11.12 -12.90 33.09
N ILE B 364 10.19 -13.27 32.22
CA ILE B 364 9.77 -12.46 31.09
C ILE B 364 8.60 -11.61 31.53
N ALA B 365 8.59 -10.34 31.15
CA ALA B 365 7.49 -9.45 31.46
C ALA B 365 7.34 -8.42 30.36
N ALA B 366 6.11 -7.99 30.14
CA ALA B 366 5.81 -6.89 29.24
C ALA B 366 5.89 -5.59 30.00
N THR B 367 6.69 -4.64 29.50
CA THR B 367 7.00 -3.43 30.25
C THR B 367 6.06 -2.28 29.97
N SER B 368 5.35 -2.31 28.85
CA SER B 368 4.58 -1.14 28.44
C SER B 368 3.39 -1.52 27.55
N ARG C 31 32.36 91.59 55.14
CA ARG C 31 31.30 90.80 54.55
C ARG C 31 31.79 89.43 54.14
N ARG C 32 30.85 88.56 53.78
CA ARG C 32 31.18 87.30 53.14
C ARG C 32 30.16 87.09 52.02
N ARG C 33 30.61 86.56 50.90
CA ARG C 33 29.74 86.25 49.77
C ARG C 33 30.00 84.83 49.30
N VAL C 34 28.97 84.20 48.76
CA VAL C 34 29.09 82.82 48.33
C VAL C 34 28.86 82.69 46.83
N VAL C 35 29.93 82.74 46.09
CA VAL C 35 29.88 82.65 44.63
C VAL C 35 29.80 81.19 44.24
N ILE C 36 28.82 80.84 43.41
CA ILE C 36 28.77 79.49 42.87
C ILE C 36 29.82 79.37 41.77
N ASN C 37 30.94 78.75 42.13
CA ASN C 37 32.06 78.60 41.21
C ASN C 37 31.69 77.60 40.13
N GLN C 38 32.03 77.93 38.89
CA GLN C 38 31.61 77.14 37.73
C GLN C 38 32.86 76.72 36.95
N SER C 39 33.82 76.16 37.68
CA SER C 39 35.07 75.68 37.10
C SER C 39 35.21 74.18 37.34
N ASN C 40 34.12 73.45 37.18
CA ASN C 40 34.16 72.01 37.37
C ASN C 40 33.55 71.35 36.14
N GLN C 41 33.34 70.04 36.24
CA GLN C 41 32.74 69.22 35.18
C GLN C 41 32.29 67.91 35.79
N SER C 42 31.22 67.36 35.23
CA SER C 42 30.56 66.20 35.81
C SER C 42 31.26 64.91 35.39
N MET C 43 30.72 63.80 35.87
CA MET C 43 31.18 62.45 35.53
C MET C 43 30.07 61.46 35.87
N PRO C 44 29.05 61.32 35.02
CA PRO C 44 27.92 60.45 35.37
C PRO C 44 28.22 58.97 35.17
N VAL C 45 27.67 58.18 36.08
CA VAL C 45 28.00 56.76 36.22
C VAL C 45 26.85 55.93 35.67
N THR C 46 27.18 54.97 34.80
CA THR C 46 26.20 54.10 34.17
C THR C 46 26.51 52.66 34.53
N SER C 47 25.47 51.85 34.75
CA SER C 47 25.64 50.47 35.13
C SER C 47 25.04 49.52 34.09
N ASN C 48 25.61 48.32 34.02
CA ASN C 48 25.29 47.30 33.02
C ASN C 48 25.53 45.92 33.62
N GLY C 49 25.78 44.93 32.77
CA GLY C 49 26.24 43.64 33.24
C GLY C 49 25.86 42.49 32.33
N ALA C 50 26.86 41.68 32.00
CA ALA C 50 26.71 40.70 30.94
C ALA C 50 26.09 39.42 31.48
N PRO C 51 25.21 38.76 30.74
CA PRO C 51 24.71 37.46 31.14
C PRO C 51 25.72 36.36 30.81
N LEU C 52 25.39 35.15 31.25
CA LEU C 52 26.25 34.02 30.94
C LEU C 52 26.16 33.64 29.47
N GLN C 53 25.01 33.89 28.85
CA GLN C 53 24.83 33.56 27.44
C GLN C 53 23.67 34.39 26.90
N ALA C 54 23.83 34.88 25.67
CA ALA C 54 22.79 35.66 24.99
C ALA C 54 22.00 34.69 24.13
N LEU C 55 20.74 34.48 24.49
CA LEU C 55 19.91 33.49 23.81
C LEU C 55 19.06 34.18 22.75
N THR C 56 18.96 33.56 21.57
CA THR C 56 18.28 34.15 20.42
C THR C 56 17.54 33.03 19.70
N SER C 57 16.42 33.38 19.06
CA SER C 57 15.65 32.38 18.32
C SER C 57 15.01 33.04 17.11
N TYR C 58 14.58 32.20 16.17
CA TYR C 58 13.97 32.62 14.92
C TYR C 58 12.73 31.80 14.59
N SER C 59 11.81 31.70 15.54
CA SER C 59 10.61 30.91 15.35
C SER C 59 9.66 31.55 14.35
N ARG C 60 9.35 30.83 13.28
CA ARG C 60 8.32 31.22 12.35
C ARG C 60 6.96 31.13 13.01
N PRO C 61 5.98 31.93 12.59
CA PRO C 61 4.66 31.87 13.21
C PRO C 61 3.91 30.60 12.84
N ASN C 62 2.78 30.42 13.51
CA ASN C 62 1.97 29.22 13.40
C ASN C 62 0.96 29.30 12.24
N VAL C 63 1.06 30.33 11.41
CA VAL C 63 0.02 30.57 10.41
C VAL C 63 0.25 29.65 9.21
N ASN C 64 -0.82 29.33 8.49
CA ASN C 64 -0.78 28.57 7.25
C ASN C 64 -1.30 29.50 6.17
N LYS C 65 -0.42 30.00 5.31
CA LYS C 65 -0.88 30.84 4.21
C LYS C 65 -1.27 29.98 3.02
N ILE C 66 -2.50 30.15 2.56
CA ILE C 66 -2.98 29.52 1.35
C ILE C 66 -2.91 30.53 0.22
N SER C 67 -2.07 30.24 -0.77
CA SER C 67 -1.80 31.19 -1.85
C SER C 67 -2.61 30.75 -3.07
N ARG C 68 -3.66 31.49 -3.37
CA ARG C 68 -4.49 31.21 -4.53
C ARG C 68 -3.89 31.86 -5.77
N LEU C 69 -3.23 31.07 -6.60
CA LEU C 69 -2.67 31.57 -7.85
C LEU C 69 -3.66 31.40 -8.98
N GLY C 70 -3.63 32.34 -9.92
CA GLY C 70 -4.43 32.22 -11.11
C GLY C 70 -5.38 33.37 -11.29
N PRO C 71 -6.02 33.45 -12.45
CA PRO C 71 -5.89 32.51 -13.56
C PRO C 71 -4.79 32.87 -14.56
N ASP C 72 -3.95 31.89 -14.85
CA ASP C 72 -2.96 31.99 -15.91
C ASP C 72 -3.13 30.77 -16.80
N SER C 73 -2.41 30.77 -17.91
CA SER C 73 -2.57 29.74 -18.92
C SER C 73 -1.23 29.14 -19.29
N ASP C 74 -1.24 27.83 -19.51
CA ASP C 74 0.00 27.09 -19.72
C ASP C 74 -0.17 26.17 -20.92
N PHE C 75 0.95 25.66 -21.41
CA PHE C 75 0.97 24.73 -22.53
C PHE C 75 1.21 23.32 -22.00
N LEU C 76 0.41 22.36 -22.48
CA LEU C 76 0.63 21.00 -21.99
C LEU C 76 1.51 20.21 -22.94
N THR C 77 1.00 19.93 -24.13
CA THR C 77 1.64 19.08 -25.14
C THR C 77 1.01 19.35 -26.50
N SER C 78 1.65 18.81 -27.53
CA SER C 78 0.99 18.62 -28.80
C SER C 78 0.33 17.26 -28.82
N VAL C 79 -0.44 17.00 -29.88
CA VAL C 79 -1.21 15.77 -30.00
C VAL C 79 -1.04 15.21 -31.41
N VAL C 80 -0.67 13.93 -31.48
CA VAL C 80 -0.35 13.28 -32.74
C VAL C 80 -1.51 12.37 -33.12
N ALA C 81 -2.32 12.83 -34.07
CA ALA C 81 -3.29 11.94 -34.69
C ALA C 81 -2.56 10.91 -35.55
N LYS C 82 -3.21 9.80 -35.82
CA LYS C 82 -2.53 8.69 -36.46
C LYS C 82 -3.41 8.03 -37.50
N ALA C 83 -2.76 7.28 -38.38
CA ALA C 83 -3.44 6.67 -39.51
C ALA C 83 -4.15 5.40 -39.08
N SER C 84 -4.94 4.84 -40.00
CA SER C 84 -5.61 3.57 -39.73
C SER C 84 -4.63 2.41 -39.81
N THR C 85 -3.50 2.63 -40.48
CA THR C 85 -2.46 1.61 -40.54
C THR C 85 -1.75 1.47 -39.20
N SER C 86 -1.67 2.55 -38.43
CA SER C 86 -0.99 2.52 -37.16
C SER C 86 -1.86 2.04 -36.01
N ILE C 87 -3.16 1.92 -36.22
CA ILE C 87 -4.09 1.51 -35.18
C ILE C 87 -4.26 0.00 -35.32
N VAL C 88 -3.61 -0.74 -34.44
CA VAL C 88 -3.80 -2.18 -34.37
C VAL C 88 -4.61 -2.61 -33.16
N THR C 89 -4.18 -2.26 -31.95
CA THR C 89 -4.88 -2.52 -30.71
C THR C 89 -5.78 -1.34 -30.41
N PRO C 90 -6.82 -1.53 -29.60
CA PRO C 90 -7.63 -0.39 -29.14
C PRO C 90 -6.87 0.63 -28.30
N ALA C 91 -5.79 0.18 -27.65
CA ALA C 91 -4.98 1.10 -26.87
C ALA C 91 -4.06 1.95 -27.74
N ASP C 92 -4.05 1.72 -29.05
CA ASP C 92 -3.37 2.62 -29.96
C ASP C 92 -4.16 3.89 -30.22
N ARG C 93 -5.45 3.90 -29.89
CA ARG C 93 -6.28 5.07 -30.13
C ARG C 93 -6.11 6.15 -29.09
N ILE C 94 -5.36 5.91 -28.03
CA ILE C 94 -5.04 6.94 -27.05
C ILE C 94 -3.95 7.82 -27.63
N LEU C 95 -4.23 9.12 -27.75
CA LEU C 95 -3.24 10.00 -28.37
C LEU C 95 -2.35 10.65 -27.33
N VAL C 96 -2.93 11.29 -26.32
CA VAL C 96 -2.17 11.86 -25.22
C VAL C 96 -2.63 11.24 -23.92
N LYS C 97 -1.72 11.20 -22.96
CA LYS C 97 -2.02 10.75 -21.60
C LYS C 97 -1.27 11.71 -20.69
N GLN C 98 -1.91 12.80 -20.33
CA GLN C 98 -1.22 13.85 -19.60
C GLN C 98 -1.68 13.88 -18.16
N PRO C 99 -0.81 13.63 -17.20
CA PRO C 99 -1.16 13.88 -15.80
C PRO C 99 -1.39 15.36 -15.56
N LEU C 100 -2.35 15.66 -14.68
CA LEU C 100 -2.64 17.06 -14.40
C LEU C 100 -2.32 17.42 -12.96
N SER C 101 -1.22 16.92 -12.45
CA SER C 101 -0.71 17.44 -11.19
C SER C 101 -0.17 18.85 -11.42
N ALA C 102 -0.03 19.59 -10.33
CA ALA C 102 0.61 20.91 -10.43
C ALA C 102 2.10 20.77 -10.67
N SER C 103 2.67 19.60 -10.36
CA SER C 103 4.09 19.36 -10.56
C SER C 103 4.37 18.48 -11.77
N SER C 104 3.55 18.56 -12.82
CA SER C 104 3.62 17.58 -13.89
C SER C 104 3.88 18.19 -15.26
N PHE C 105 4.24 19.47 -15.33
CA PHE C 105 4.50 20.13 -16.61
C PHE C 105 5.84 20.83 -16.54
N PRO C 106 6.95 20.08 -16.68
CA PRO C 106 8.27 20.70 -16.51
C PRO C 106 8.58 21.69 -17.62
N GLY C 107 8.82 22.92 -17.22
CA GLY C 107 8.99 24.00 -18.17
C GLY C 107 8.05 25.14 -17.88
N THR C 108 6.83 24.84 -17.46
CA THR C 108 5.92 25.88 -17.05
C THR C 108 6.33 26.44 -15.69
N ARG C 109 5.89 27.65 -15.41
CA ARG C 109 6.21 28.27 -14.13
C ARG C 109 5.40 27.64 -13.01
N ILE C 110 4.25 27.03 -13.32
CA ILE C 110 3.40 26.46 -12.28
C ILE C 110 4.03 25.19 -11.71
N THR C 111 4.76 24.45 -12.54
CA THR C 111 5.48 23.29 -12.03
C THR C 111 6.72 23.73 -11.26
N GLY C 112 7.33 24.83 -11.68
CA GLY C 112 8.41 25.41 -10.92
C GLY C 112 7.96 25.89 -9.56
N LEU C 113 6.80 26.54 -9.51
CA LEU C 113 6.34 27.10 -8.24
C LEU C 113 5.64 26.06 -7.38
N SER C 114 5.30 24.90 -7.96
CA SER C 114 4.55 23.90 -7.21
C SER C 114 5.37 23.24 -6.13
N SER C 115 6.68 23.13 -6.32
CA SER C 115 7.52 22.53 -5.31
C SER C 115 7.99 23.51 -4.26
N TYR C 116 7.27 24.61 -4.07
CA TYR C 116 7.53 25.52 -2.96
C TYR C 116 6.29 25.67 -2.08
N TRP C 117 5.36 24.72 -2.20
CA TRP C 117 4.28 24.53 -1.27
C TRP C 117 4.05 23.03 -1.12
N GLU C 118 3.29 22.65 -0.11
CA GLU C 118 3.07 21.23 0.13
C GLU C 118 1.96 20.66 -0.74
N ARG C 119 0.79 21.27 -0.73
CA ARG C 119 -0.35 20.68 -1.40
C ARG C 119 -1.01 21.68 -2.33
N TYR C 120 -1.86 21.17 -3.20
CA TYR C 120 -2.55 21.98 -4.18
C TYR C 120 -3.96 21.45 -4.33
N LYS C 121 -4.77 22.18 -5.08
CA LYS C 121 -6.10 21.72 -5.48
C LYS C 121 -6.51 22.57 -6.67
N TRP C 122 -6.86 21.92 -7.78
CA TRP C 122 -7.34 22.68 -8.92
C TRP C 122 -8.74 23.17 -8.64
N LEU C 123 -8.92 24.47 -8.55
CA LEU C 123 -10.25 25.01 -8.37
C LEU C 123 -10.98 25.10 -9.69
N SER C 124 -10.32 25.65 -10.69
CA SER C 124 -10.81 25.74 -12.05
C SER C 124 -9.73 25.23 -12.96
N ALA C 125 -10.05 24.27 -13.81
CA ALA C 125 -9.07 23.73 -14.75
C ALA C 125 -9.82 23.34 -16.02
N VAL C 126 -9.73 24.18 -17.04
CA VAL C 126 -10.35 23.89 -18.32
C VAL C 126 -9.26 23.86 -19.39
N ALA C 127 -9.14 22.71 -20.06
CA ALA C 127 -8.13 22.53 -21.09
C ALA C 127 -8.73 22.83 -22.45
N ARG C 128 -8.05 23.66 -23.23
CA ARG C 128 -8.62 24.29 -24.40
C ARG C 128 -7.81 23.84 -25.62
N TYR C 129 -8.37 22.89 -26.37
CA TYR C 129 -7.71 22.38 -27.57
C TYR C 129 -7.69 23.43 -28.65
N VAL C 130 -6.50 23.71 -29.19
CA VAL C 130 -6.38 24.57 -30.37
C VAL C 130 -5.87 23.74 -31.54
N PRO C 131 -6.56 23.74 -32.67
CA PRO C 131 -6.07 23.00 -33.83
C PRO C 131 -5.02 23.83 -34.56
N ALA C 132 -4.34 23.16 -35.48
CA ALA C 132 -3.47 23.86 -36.41
C ALA C 132 -3.65 23.30 -37.81
N VAL C 133 -4.89 23.09 -38.22
CA VAL C 133 -5.16 22.31 -39.43
C VAL C 133 -6.34 22.98 -40.12
N PRO C 134 -6.47 22.91 -41.45
CA PRO C 134 -7.61 23.54 -42.13
C PRO C 134 -8.86 22.69 -42.01
N ASN C 135 -9.91 23.14 -42.71
CA ASN C 135 -11.19 22.43 -42.76
C ASN C 135 -11.23 21.36 -43.84
N THR C 136 -10.07 20.88 -44.29
CA THR C 136 -10.02 19.95 -45.40
C THR C 136 -9.65 18.53 -44.99
N VAL C 137 -9.19 18.33 -43.76
CA VAL C 137 -9.01 16.98 -43.25
C VAL C 137 -9.88 16.82 -42.01
N ALA C 138 -10.29 15.58 -41.76
CA ALA C 138 -11.35 15.36 -40.80
C ALA C 138 -11.10 14.07 -40.04
N CYS C 139 -11.18 14.17 -38.72
CA CYS C 139 -11.08 13.04 -37.80
C CYS C 139 -11.75 13.46 -36.51
N GLN C 140 -12.38 12.54 -35.81
CA GLN C 140 -13.19 12.90 -34.67
C GLN C 140 -12.48 12.50 -33.40
N PHE C 141 -12.29 13.45 -32.50
CA PHE C 141 -11.66 13.19 -31.22
C PHE C 141 -12.70 13.22 -30.13
N VAL C 142 -12.32 12.71 -28.98
CA VAL C 142 -13.09 12.88 -27.75
C VAL C 142 -12.11 13.10 -26.62
N MET C 143 -12.34 14.16 -25.87
CA MET C 143 -11.38 14.67 -24.92
C MET C 143 -12.03 14.71 -23.55
N TYR C 144 -11.35 14.19 -22.54
CA TYR C 144 -11.92 14.18 -21.21
C TYR C 144 -10.80 14.21 -20.19
N ILE C 145 -11.17 14.47 -18.94
CA ILE C 145 -10.24 14.47 -17.82
C ILE C 145 -10.78 13.45 -16.81
N ASP C 146 -10.20 12.25 -16.81
CA ASP C 146 -10.57 11.27 -15.80
C ASP C 146 -9.97 11.68 -14.48
N THR C 147 -10.75 11.57 -13.41
CA THR C 147 -10.32 12.05 -12.11
C THR C 147 -9.54 11.00 -11.33
N ASP C 148 -9.70 9.72 -11.65
CA ASP C 148 -8.90 8.67 -11.02
C ASP C 148 -7.61 8.51 -11.80
N PRO C 149 -6.45 8.74 -11.20
CA PRO C 149 -5.19 8.56 -11.93
C PRO C 149 -4.74 7.13 -12.09
N LEU C 150 -5.50 6.14 -11.62
CA LEU C 150 -5.13 4.75 -11.83
C LEU C 150 -6.08 4.00 -12.74
N ASP C 151 -7.23 4.58 -13.07
CA ASP C 151 -7.99 4.04 -14.18
C ASP C 151 -7.24 4.28 -15.48
N ASP C 152 -6.87 3.19 -16.13
CA ASP C 152 -6.11 3.24 -17.37
C ASP C 152 -6.92 2.54 -18.45
N PRO C 153 -7.26 3.21 -19.55
CA PRO C 153 -7.94 2.53 -20.66
C PRO C 153 -7.02 1.70 -21.53
N SER C 154 -5.72 1.64 -21.23
CA SER C 154 -4.75 1.04 -22.13
C SER C 154 -4.77 -0.48 -22.13
N ASN C 155 -5.61 -1.08 -21.29
CA ASN C 155 -5.72 -2.53 -21.22
C ASN C 155 -7.17 -2.96 -21.52
N ILE C 156 -7.73 -2.36 -22.57
CA ILE C 156 -9.06 -2.70 -23.05
C ILE C 156 -8.92 -3.34 -24.43
N SER C 157 -9.53 -4.51 -24.60
CA SER C 157 -9.41 -5.25 -25.85
C SER C 157 -10.50 -4.94 -26.86
N ASP C 158 -11.34 -3.94 -26.60
CA ASP C 158 -12.41 -3.55 -27.51
C ASP C 158 -12.21 -2.11 -27.94
N ASP C 159 -12.33 -1.86 -29.24
CA ASP C 159 -12.09 -0.51 -29.77
C ASP C 159 -13.32 0.36 -29.62
N ASN C 160 -14.50 -0.24 -29.53
CA ASN C 160 -15.71 0.54 -29.32
C ASN C 160 -15.92 0.84 -27.85
N GLN C 161 -15.29 0.07 -26.97
CA GLN C 161 -15.50 0.27 -25.56
C GLN C 161 -14.63 1.39 -25.02
N ILE C 162 -13.48 1.61 -25.66
CA ILE C 162 -12.57 2.67 -25.20
C ILE C 162 -13.15 4.03 -25.56
N VAL C 163 -14.02 4.08 -26.57
CA VAL C 163 -14.59 5.37 -26.96
C VAL C 163 -15.94 5.57 -26.30
N ARG C 164 -16.53 4.51 -25.75
CA ARG C 164 -17.65 4.69 -24.83
C ARG C 164 -17.13 4.93 -23.41
N GLN C 165 -15.85 4.63 -23.19
CA GLN C 165 -15.21 4.99 -21.94
C GLN C 165 -14.98 6.49 -21.86
N ALA C 166 -14.85 7.13 -23.02
CA ALA C 166 -14.45 8.54 -23.06
C ALA C 166 -15.66 9.46 -23.05
N VAL C 167 -16.72 9.10 -23.78
CA VAL C 167 -17.87 9.99 -23.88
C VAL C 167 -18.73 9.91 -22.63
N SER C 168 -18.54 8.89 -21.81
CA SER C 168 -19.40 8.72 -20.64
C SER C 168 -18.82 9.36 -19.39
N GLN C 169 -17.54 9.72 -19.41
CA GLN C 169 -16.97 10.56 -18.37
C GLN C 169 -17.65 11.93 -18.38
N ALA C 170 -17.91 12.46 -17.21
CA ALA C 170 -18.49 13.78 -17.07
C ALA C 170 -17.50 14.83 -17.55
N GLY C 171 -18.02 15.87 -18.19
CA GLY C 171 -17.19 16.93 -18.68
C GLY C 171 -16.49 16.66 -20.00
N SER C 172 -16.78 15.55 -20.67
CA SER C 172 -16.12 15.25 -21.93
C SER C 172 -16.71 16.08 -23.05
N ASN C 173 -15.91 16.36 -24.09
CA ASN C 173 -16.38 17.14 -25.21
C ASN C 173 -15.88 16.49 -26.49
N GLN C 174 -16.81 16.26 -27.41
CA GLN C 174 -16.55 15.49 -28.62
C GLN C 174 -16.48 16.46 -29.79
N PHE C 175 -15.47 16.31 -30.64
CA PHE C 175 -15.29 17.31 -31.67
C PHE C 175 -14.54 16.73 -32.86
N ASN C 176 -14.80 17.32 -34.01
CA ASN C 176 -13.92 17.21 -35.16
C ASN C 176 -12.66 17.99 -34.84
N PHE C 177 -11.50 17.46 -35.24
CA PHE C 177 -10.27 18.04 -34.72
C PHE C 177 -9.84 19.29 -35.47
N ASN C 178 -10.61 19.77 -36.44
CA ASN C 178 -10.37 21.07 -37.04
C ASN C 178 -11.24 22.16 -36.41
N THR C 179 -11.54 22.02 -35.12
CA THR C 179 -12.43 22.91 -34.39
C THR C 179 -11.95 22.99 -32.94
N SER C 180 -11.85 24.20 -32.42
CA SER C 180 -11.36 24.41 -31.06
C SER C 180 -12.46 24.22 -30.02
N LYS C 181 -12.23 23.30 -29.09
CA LYS C 181 -13.20 23.00 -28.04
C LYS C 181 -12.49 22.88 -26.70
N THR C 182 -13.27 23.00 -25.64
CA THR C 182 -12.75 23.02 -24.28
C THR C 182 -13.28 21.82 -23.50
N VAL C 183 -12.55 21.44 -22.45
CA VAL C 183 -12.97 20.39 -21.52
C VAL C 183 -12.72 20.85 -20.10
N PRO C 184 -13.77 20.94 -19.27
CA PRO C 184 -13.56 21.34 -17.87
C PRO C 184 -13.32 20.15 -16.96
N LEU C 185 -12.43 20.36 -16.01
CA LEU C 185 -12.20 19.39 -14.94
C LEU C 185 -13.40 19.36 -14.01
N ILE C 186 -13.79 18.18 -13.58
CA ILE C 186 -14.84 18.05 -12.59
C ILE C 186 -14.20 17.88 -11.22
N VAL C 187 -14.46 18.82 -10.33
CA VAL C 187 -13.90 18.77 -8.99
C VAL C 187 -14.62 17.72 -8.16
N ARG C 188 -13.96 17.27 -7.10
CA ARG C 188 -14.54 16.32 -6.17
C ARG C 188 -15.68 16.97 -5.39
N ALA C 189 -16.53 16.12 -4.82
CA ALA C 189 -17.54 16.63 -3.90
C ALA C 189 -16.92 17.02 -2.57
N ASP C 190 -16.06 16.16 -2.03
CA ASP C 190 -15.38 16.50 -0.80
C ASP C 190 -14.20 17.44 -1.08
N ASN C 191 -13.63 17.96 0.00
CA ASN C 191 -12.51 18.89 -0.07
C ASN C 191 -11.22 18.11 0.15
N GLN C 192 -10.60 17.68 -0.95
CA GLN C 192 -9.36 16.93 -0.87
C GLN C 192 -8.22 17.74 -1.47
N TYR C 193 -7.12 17.83 -0.74
CA TYR C 193 -5.90 18.33 -1.34
C TYR C 193 -5.02 17.18 -1.80
N TYR C 194 -4.04 17.53 -2.62
CA TYR C 194 -3.13 16.55 -3.20
C TYR C 194 -1.70 17.03 -3.05
N TYR C 195 -0.80 16.11 -2.76
CA TYR C 195 0.59 16.48 -2.53
C TYR C 195 1.25 16.92 -3.83
N THR C 196 2.14 17.90 -3.74
CA THR C 196 2.88 18.36 -4.90
C THR C 196 4.09 17.48 -5.14
N GLY C 197 4.97 17.96 -6.01
CA GLY C 197 6.24 17.29 -6.25
C GLY C 197 6.10 16.10 -7.16
N VAL C 198 7.20 15.33 -7.23
CA VAL C 198 7.22 14.15 -8.09
C VAL C 198 6.39 13.06 -7.43
N ASP C 199 6.06 12.03 -8.20
CA ASP C 199 5.14 11.02 -7.72
C ASP C 199 5.83 10.06 -6.77
N LYS C 200 5.19 9.82 -5.64
CA LYS C 200 5.61 8.82 -4.67
C LYS C 200 4.94 7.50 -5.01
N GLN C 201 4.83 6.62 -4.00
CA GLN C 201 4.29 5.27 -4.12
C GLN C 201 2.95 5.18 -4.84
N ASN C 202 2.08 6.17 -4.69
CA ASN C 202 0.72 6.08 -5.19
C ASN C 202 0.37 7.37 -5.92
N LEU C 203 -0.23 7.23 -7.11
CA LEU C 203 -0.64 8.41 -7.88
C LEU C 203 -1.86 9.07 -7.27
N ARG C 204 -2.59 8.36 -6.41
CA ARG C 204 -3.85 8.89 -5.90
C ARG C 204 -3.65 9.90 -4.79
N PHE C 205 -2.42 10.12 -4.35
CA PHE C 205 -2.14 11.21 -3.43
C PHE C 205 -1.68 12.48 -4.12
N SER C 206 -1.33 12.42 -5.40
CA SER C 206 -0.66 13.56 -5.99
C SER C 206 -1.20 13.98 -7.35
N LEU C 207 -2.09 13.21 -7.94
CA LEU C 207 -2.67 13.57 -9.23
C LEU C 207 -4.16 13.79 -9.05
N GLN C 208 -4.64 14.95 -9.48
CA GLN C 208 -6.07 15.20 -9.40
C GLN C 208 -6.78 14.70 -10.65
N GLY C 209 -6.11 14.67 -11.78
CA GLY C 209 -6.74 14.15 -12.98
C GLY C 209 -5.73 13.76 -14.03
N ILE C 210 -6.22 13.12 -15.09
CA ILE C 210 -5.43 12.82 -16.27
C ILE C 210 -6.22 13.21 -17.51
N LEU C 211 -5.65 14.09 -18.32
CA LEU C 211 -6.24 14.47 -19.59
C LEU C 211 -5.99 13.37 -20.62
N TYR C 212 -7.06 12.93 -21.28
CA TYR C 212 -6.96 11.97 -22.36
C TYR C 212 -7.57 12.55 -23.63
N ILE C 213 -7.05 12.14 -24.77
CA ILE C 213 -7.67 12.40 -26.08
C ILE C 213 -7.72 11.07 -26.81
N ILE C 214 -8.92 10.65 -27.19
CA ILE C 214 -9.14 9.36 -27.83
C ILE C 214 -9.53 9.63 -29.27
N GLN C 215 -9.03 8.82 -30.19
CA GLN C 215 -9.40 8.93 -31.60
C GLN C 215 -10.46 7.89 -31.93
N VAL C 216 -11.58 8.33 -32.49
CA VAL C 216 -12.71 7.41 -32.72
C VAL C 216 -12.95 7.11 -34.20
N THR C 217 -12.30 7.83 -35.10
CA THR C 217 -12.59 7.71 -36.52
C THR C 217 -11.26 7.69 -37.28
N ASP C 218 -11.25 6.97 -38.40
CA ASP C 218 -10.11 6.97 -39.31
C ASP C 218 -9.83 8.38 -39.81
N LEU C 219 -8.54 8.70 -39.95
CA LEU C 219 -8.12 10.04 -40.36
C LEU C 219 -8.34 10.19 -41.86
N ILE C 220 -9.34 10.98 -42.25
CA ILE C 220 -9.80 11.04 -43.62
C ILE C 220 -9.31 12.35 -44.23
N ASN C 221 -9.22 12.37 -45.56
CA ASN C 221 -8.78 13.57 -46.26
C ASN C 221 -9.96 14.29 -46.93
N PHE C 222 -9.63 15.27 -47.78
CA PHE C 222 -10.64 16.00 -48.53
C PHE C 222 -11.37 15.13 -49.55
N ASN C 223 -10.71 14.08 -50.04
CA ASN C 223 -11.25 13.24 -51.08
C ASN C 223 -11.94 12.01 -50.51
N GLY C 224 -12.11 11.95 -49.19
CA GLY C 224 -12.72 10.80 -48.56
C GLY C 224 -11.83 9.58 -48.48
N GLU C 225 -10.53 9.73 -48.66
CA GLU C 225 -9.59 8.63 -48.64
C GLU C 225 -8.80 8.66 -47.34
N LEU C 226 -8.18 7.53 -47.02
CA LEU C 226 -7.49 7.40 -45.75
C LEU C 226 -6.12 8.07 -45.83
N ILE C 227 -5.78 8.83 -44.79
CA ILE C 227 -4.43 9.34 -44.63
C ILE C 227 -3.52 8.19 -44.25
N THR C 228 -2.34 8.13 -44.86
CA THR C 228 -1.43 7.01 -44.67
C THR C 228 -0.28 7.32 -43.72
N GLN C 229 -0.29 8.47 -43.06
CA GLN C 229 0.83 8.86 -42.19
C GLN C 229 0.30 9.24 -40.82
N ASP C 230 1.17 9.18 -39.82
CA ASP C 230 0.80 9.67 -38.50
C ASP C 230 1.09 11.17 -38.41
N LEU C 231 0.06 11.94 -38.10
CA LEU C 231 0.06 13.37 -38.35
C LEU C 231 -0.21 14.13 -37.06
N THR C 232 0.75 14.95 -36.65
CA THR C 232 0.53 15.87 -35.54
C THR C 232 -0.48 16.92 -35.97
N CYS C 233 -1.37 17.32 -35.05
CA CYS C 233 -2.56 18.02 -35.47
C CYS C 233 -2.90 19.28 -34.68
N GLY C 234 -2.37 19.45 -33.47
CA GLY C 234 -2.72 20.62 -32.71
C GLY C 234 -2.02 20.66 -31.38
N SER C 235 -2.52 21.56 -30.52
CA SER C 235 -1.90 21.80 -29.23
C SER C 235 -2.95 21.73 -28.15
N LEU C 236 -2.51 21.78 -26.90
CA LEU C 236 -3.40 21.76 -25.74
C LEU C 236 -2.96 22.80 -24.73
N PHE C 237 -3.85 23.71 -24.38
CA PHE C 237 -3.58 24.74 -23.39
C PHE C 237 -4.54 24.60 -22.22
N LEU C 238 -4.03 24.80 -21.02
CA LEU C 238 -4.81 24.70 -19.80
C LEU C 238 -5.10 26.10 -19.31
N ASP C 239 -6.24 26.29 -18.66
CA ASP C 239 -6.64 27.58 -18.09
C ASP C 239 -6.98 27.33 -16.63
N TRP C 240 -6.03 27.61 -15.74
CA TRP C 240 -6.05 27.00 -14.43
C TRP C 240 -6.25 28.00 -13.30
N LEU C 241 -6.48 27.47 -12.10
CA LEU C 241 -6.73 28.24 -10.88
C LEU C 241 -6.55 27.31 -9.69
N VAL C 242 -5.57 27.59 -8.83
CA VAL C 242 -5.13 26.65 -7.81
C VAL C 242 -5.21 27.29 -6.43
N ASN C 243 -5.12 26.46 -5.41
CA ASN C 243 -4.61 26.87 -4.11
C ASN C 243 -3.26 26.21 -3.89
N PHE C 244 -2.50 26.75 -2.94
CA PHE C 244 -1.27 26.16 -2.47
C PHE C 244 -1.18 26.35 -0.97
N SER C 245 -0.95 25.28 -0.22
CA SER C 245 -0.86 25.38 1.23
C SER C 245 0.50 24.88 1.72
N ILE C 246 0.89 25.39 2.88
CA ILE C 246 2.07 24.96 3.66
C ILE C 246 3.36 25.07 2.85
N PRO C 247 3.97 26.24 2.74
CA PRO C 247 5.24 26.37 2.00
C PRO C 247 6.38 25.53 2.55
N GLN C 248 6.97 24.76 1.64
CA GLN C 248 8.08 23.86 1.95
C GLN C 248 8.96 23.75 0.72
N ILE C 249 10.28 23.68 0.95
CA ILE C 249 11.25 23.62 -0.13
C ILE C 249 11.17 22.33 -0.97
N ASN C 250 10.53 21.26 -0.46
CA ASN C 250 10.21 20.01 -1.19
C ASN C 250 11.47 19.33 -1.72
N PRO C 251 12.22 18.61 -0.86
CA PRO C 251 13.60 18.19 -1.15
C PRO C 251 13.96 17.48 -2.46
N THR C 252 13.00 17.04 -3.27
CA THR C 252 13.35 16.49 -4.57
C THR C 252 13.58 17.59 -5.60
N SER C 253 13.24 18.82 -5.25
CA SER C 253 13.37 19.93 -6.19
C SER C 253 14.83 20.40 -6.29
N LEU C 254 15.64 20.06 -5.29
CA LEU C 254 17.04 20.46 -5.22
C LEU C 254 17.85 19.84 -6.35
N THR C 255 18.50 20.66 -7.17
CA THR C 255 19.35 20.12 -8.22
C THR C 255 20.66 19.66 -7.62
N ASP C 256 21.02 18.40 -7.85
CA ASP C 256 22.17 17.79 -7.21
C ASP C 256 22.55 16.54 -7.99
N VAL C 257 23.82 16.45 -8.36
CA VAL C 257 24.35 15.31 -9.10
C VAL C 257 25.11 14.42 -8.13
N ARG C 258 24.71 13.15 -8.05
CA ARG C 258 25.36 12.21 -7.16
C ARG C 258 25.20 10.81 -7.73
N VAL C 259 25.93 9.86 -7.16
CA VAL C 259 25.78 8.46 -7.53
C VAL C 259 25.00 7.75 -6.42
N ASP C 260 23.87 7.14 -6.79
CA ASP C 260 23.02 6.50 -5.81
C ASP C 260 23.58 5.15 -5.37
N LYS C 261 23.70 4.22 -6.31
CA LYS C 261 23.78 2.81 -5.97
C LYS C 261 24.58 2.09 -7.05
N ALA C 262 25.50 1.23 -6.63
CA ALA C 262 26.33 0.47 -7.54
C ALA C 262 25.82 -0.96 -7.58
N VAL C 263 25.25 -1.35 -8.71
CA VAL C 263 24.57 -2.62 -8.85
C VAL C 263 25.34 -3.48 -9.84
N ASN C 264 25.60 -4.72 -9.44
CA ASN C 264 26.26 -5.69 -10.31
C ASN C 264 25.26 -6.26 -11.31
N PHE C 265 25.76 -6.58 -12.50
CA PHE C 265 24.93 -7.29 -13.46
C PHE C 265 24.72 -8.73 -13.01
N ILE C 266 23.64 -9.33 -13.49
CA ILE C 266 23.40 -10.75 -13.31
C ILE C 266 24.29 -11.53 -14.25
N LYS C 267 24.38 -12.83 -14.05
CA LYS C 267 25.20 -13.72 -14.87
C LYS C 267 24.25 -14.61 -15.67
N PRO C 268 24.07 -14.34 -16.96
CA PRO C 268 23.28 -15.25 -17.80
C PRO C 268 23.96 -16.61 -17.95
N GLU C 269 23.12 -17.64 -18.08
CA GLU C 269 23.63 -19.00 -18.13
C GLU C 269 23.61 -19.58 -19.54
N VAL C 270 22.77 -19.02 -20.42
CA VAL C 270 22.68 -19.46 -21.80
C VAL C 270 23.42 -18.46 -22.65
N SER C 271 24.36 -18.94 -23.47
CA SER C 271 25.15 -18.05 -24.31
C SER C 271 24.33 -17.54 -25.48
N GLY C 272 24.32 -16.22 -25.65
CA GLY C 272 23.61 -15.62 -26.75
C GLY C 272 22.13 -15.43 -26.56
N VAL C 273 21.64 -15.54 -25.33
CA VAL C 273 20.22 -15.38 -25.03
C VAL C 273 20.08 -14.38 -23.90
N ALA C 274 19.25 -13.36 -24.10
CA ALA C 274 19.09 -12.29 -23.13
C ALA C 274 18.33 -12.77 -21.90
N GLU C 275 18.61 -12.14 -20.77
CA GLU C 275 17.88 -12.35 -19.53
C GLU C 275 17.51 -10.99 -18.94
N ILE C 276 16.33 -10.94 -18.34
CA ILE C 276 15.82 -9.69 -17.78
C ILE C 276 16.30 -9.52 -16.35
N GLN C 277 17.00 -8.43 -16.08
CA GLN C 277 17.50 -8.12 -14.76
C GLN C 277 16.62 -7.07 -14.11
N THR C 278 16.14 -7.36 -12.90
CA THR C 278 15.26 -6.47 -12.16
C THR C 278 16.06 -5.66 -11.16
N VAL C 279 16.08 -4.34 -11.34
CA VAL C 279 16.77 -3.41 -10.47
C VAL C 279 15.74 -2.71 -9.61
N THR C 280 15.82 -2.88 -8.30
CA THR C 280 14.90 -2.27 -7.37
C THR C 280 15.65 -1.33 -6.43
N GLY C 281 14.91 -0.80 -5.45
CA GLY C 281 15.51 0.02 -4.42
C GLY C 281 15.75 1.46 -4.79
N LEU C 282 15.02 1.99 -5.75
CA LEU C 282 15.24 3.35 -6.20
C LEU C 282 13.98 4.18 -5.99
N SER C 283 14.08 5.48 -6.25
CA SER C 283 12.93 6.36 -6.08
C SER C 283 11.97 6.17 -7.25
N PRO C 284 10.65 6.17 -7.00
CA PRO C 284 9.71 5.98 -8.10
C PRO C 284 9.58 7.22 -8.95
N SER C 285 9.35 6.98 -10.25
CA SER C 285 9.13 8.01 -11.27
C SER C 285 10.32 8.96 -11.38
N THR C 286 11.52 8.39 -11.29
CA THR C 286 12.76 9.14 -11.36
C THR C 286 13.60 8.59 -12.51
N SER C 287 14.11 9.49 -13.35
CA SER C 287 14.89 9.08 -14.51
C SER C 287 16.37 9.02 -14.14
N TYR C 288 16.94 7.82 -14.14
CA TYR C 288 18.32 7.60 -13.74
C TYR C 288 19.19 7.38 -14.97
N LEU C 289 20.50 7.36 -14.74
CA LEU C 289 21.47 7.14 -15.79
C LEU C 289 22.40 6.01 -15.36
N LEU C 290 22.75 5.13 -16.29
CA LEU C 290 23.49 3.92 -15.97
C LEU C 290 24.81 3.89 -16.74
N THR C 291 25.92 3.89 -16.00
CA THR C 291 27.23 3.84 -16.62
C THR C 291 28.02 2.66 -16.07
N PRO C 292 28.75 1.92 -16.90
CA PRO C 292 29.41 0.71 -16.44
C PRO C 292 30.66 0.98 -15.62
N ALA C 293 30.88 0.10 -14.65
CA ALA C 293 32.06 0.14 -13.80
C ALA C 293 32.26 -1.23 -13.17
N PHE C 294 33.47 -1.76 -13.31
CA PHE C 294 33.84 -3.02 -12.66
C PHE C 294 35.05 -2.75 -11.79
N LEU C 295 35.35 -3.70 -10.91
CA LEU C 295 36.36 -3.50 -9.88
C LEU C 295 37.23 -4.75 -9.74
N GLU C 296 38.47 -4.66 -10.25
CA GLU C 296 39.53 -5.65 -10.02
C GLU C 296 39.17 -7.04 -10.52
N GLN C 297 38.72 -7.12 -11.76
CA GLN C 297 38.35 -8.39 -12.35
C GLN C 297 39.50 -8.95 -13.18
N ASN C 298 39.49 -10.26 -13.33
CA ASN C 298 40.47 -10.98 -14.15
C ASN C 298 39.68 -11.65 -15.27
N PHE C 299 39.68 -11.02 -16.44
CA PHE C 299 38.94 -11.54 -17.59
C PHE C 299 39.71 -12.61 -18.35
N GLN C 300 40.87 -13.02 -17.85
CA GLN C 300 41.65 -14.12 -18.41
C GLN C 300 41.74 -15.29 -17.44
N SER C 301 40.72 -15.48 -16.61
CA SER C 301 40.75 -16.58 -15.65
C SER C 301 40.56 -17.94 -16.30
N GLU C 302 39.81 -18.00 -17.40
CA GLU C 302 39.72 -19.21 -18.21
C GLU C 302 39.58 -18.78 -19.67
N ALA C 303 39.32 -19.76 -20.53
CA ALA C 303 39.08 -19.47 -21.93
C ALA C 303 37.74 -18.79 -22.11
N GLY C 304 37.57 -18.14 -23.26
CA GLY C 304 36.37 -17.39 -23.56
C GLY C 304 36.55 -15.90 -23.34
N ILE C 305 35.72 -15.14 -24.05
CA ILE C 305 35.80 -13.69 -24.07
C ILE C 305 34.54 -13.14 -23.40
N TYR C 306 34.73 -12.29 -22.39
CA TYR C 306 33.62 -11.69 -21.69
C TYR C 306 33.04 -10.56 -22.53
N ILE C 307 31.85 -10.77 -23.10
CA ILE C 307 31.19 -9.78 -23.93
C ILE C 307 29.80 -9.56 -23.35
N LEU C 308 29.50 -8.34 -22.92
CA LEU C 308 28.20 -7.99 -22.38
C LEU C 308 27.59 -6.86 -23.21
N SER C 309 26.28 -6.91 -23.38
CA SER C 309 25.53 -5.81 -23.94
C SER C 309 24.19 -5.71 -23.22
N ALA C 310 23.96 -4.58 -22.58
CA ALA C 310 22.78 -4.41 -21.75
C ALA C 310 21.89 -3.34 -22.35
N THR C 311 20.64 -3.71 -22.62
CA THR C 311 19.67 -2.83 -23.25
C THR C 311 18.49 -2.64 -22.31
N PRO C 312 17.88 -1.47 -22.32
CA PRO C 312 16.71 -1.25 -21.45
C PRO C 312 15.45 -1.80 -22.07
N VAL C 313 14.54 -2.23 -21.20
CA VAL C 313 13.20 -2.60 -21.65
C VAL C 313 12.43 -1.36 -22.08
N GLU C 314 12.61 -0.26 -21.35
CA GLU C 314 11.93 1.01 -21.61
C GLU C 314 12.93 2.13 -21.37
N GLY C 315 13.60 2.58 -22.43
CA GLY C 315 14.59 3.64 -22.29
C GLY C 315 15.49 3.70 -23.51
N GLU C 316 16.60 4.41 -23.35
CA GLU C 316 17.54 4.65 -24.44
C GLU C 316 18.95 4.24 -24.03
N GLY C 317 19.83 4.18 -25.03
CA GLY C 317 21.23 3.86 -24.81
C GLY C 317 21.47 2.38 -24.60
N THR C 318 22.76 2.03 -24.55
CA THR C 318 23.17 0.63 -24.40
C THR C 318 24.58 0.57 -23.84
N ILE C 319 24.72 -0.07 -22.69
CA ILE C 319 26.03 -0.37 -22.10
C ILE C 319 26.60 -1.60 -22.79
N SER C 320 27.81 -1.46 -23.33
CA SER C 320 28.54 -2.57 -23.95
C SER C 320 29.86 -2.74 -23.22
N ILE C 321 30.13 -3.96 -22.77
CA ILE C 321 31.40 -4.30 -22.15
C ILE C 321 32.00 -5.43 -22.98
N ASN C 322 33.05 -5.12 -23.72
CA ASN C 322 33.71 -6.07 -24.62
C ASN C 322 35.15 -6.19 -24.18
N MET C 323 35.49 -7.30 -23.53
CA MET C 323 36.86 -7.53 -23.08
C MET C 323 37.64 -8.39 -24.06
N ASP C 324 37.39 -8.21 -25.36
CA ASP C 324 38.20 -8.80 -26.40
C ASP C 324 39.63 -8.27 -26.29
N PRO C 325 40.64 -9.14 -26.21
CA PRO C 325 42.03 -8.65 -26.11
C PRO C 325 42.53 -7.97 -27.39
N THR C 326 41.86 -8.13 -28.52
CA THR C 326 42.22 -7.39 -29.72
C THR C 326 41.68 -5.97 -29.72
N VAL C 327 40.45 -5.77 -29.25
CA VAL C 327 39.91 -4.44 -29.03
C VAL C 327 39.02 -4.44 -27.80
N THR C 328 39.37 -3.63 -26.81
CA THR C 328 38.66 -3.58 -25.55
C THR C 328 37.73 -2.38 -25.53
N THR C 329 36.46 -2.61 -25.23
CA THR C 329 35.47 -1.55 -25.19
C THR C 329 34.62 -1.66 -23.93
N VAL C 330 34.83 -0.75 -22.99
CA VAL C 330 33.94 -0.60 -21.84
C VAL C 330 33.34 0.79 -21.94
N SER C 331 32.16 0.90 -22.54
CA SER C 331 31.55 2.20 -22.80
C SER C 331 30.05 2.03 -22.88
N GLY C 332 29.37 3.13 -23.16
CA GLY C 332 27.92 3.17 -23.22
C GLY C 332 27.30 3.81 -21.99
N PHE C 333 26.07 4.26 -22.16
CA PHE C 333 25.27 4.77 -21.05
C PHE C 333 23.81 4.52 -21.36
N ILE C 334 23.02 4.29 -20.32
CA ILE C 334 21.62 3.93 -20.45
C ILE C 334 20.79 4.92 -19.66
N LYS C 335 19.73 5.45 -20.28
CA LYS C 335 18.80 6.37 -19.64
C LYS C 335 17.47 5.67 -19.44
N VAL C 336 17.13 5.35 -18.19
CA VAL C 336 15.92 4.62 -17.87
C VAL C 336 15.00 5.50 -17.04
N LYS C 337 13.76 5.06 -16.89
CA LYS C 337 12.80 5.69 -15.99
C LYS C 337 12.10 4.61 -15.19
N THR C 338 12.09 4.77 -13.87
CA THR C 338 11.52 3.76 -13.00
C THR C 338 9.99 3.82 -13.00
N ASP C 339 9.38 2.79 -12.42
CA ASP C 339 7.93 2.70 -12.33
C ASP C 339 7.45 3.40 -11.06
N THR C 340 6.20 3.12 -10.67
CA THR C 340 5.71 3.59 -9.38
C THR C 340 6.30 2.81 -8.22
N PHE C 341 6.94 1.68 -8.47
CA PHE C 341 7.55 0.89 -7.41
C PHE C 341 9.05 1.12 -7.28
N GLY C 342 9.60 2.07 -8.02
CA GLY C 342 11.03 2.28 -8.00
C GLY C 342 11.83 1.16 -8.63
N THR C 343 11.40 0.67 -9.77
CA THR C 343 11.93 -0.56 -10.35
C THR C 343 11.92 -0.47 -11.86
N PHE C 344 13.06 -0.80 -12.47
CA PHE C 344 13.12 -0.93 -13.92
C PHE C 344 13.77 -2.26 -14.25
N ASP C 345 13.76 -2.60 -15.54
CA ASP C 345 14.28 -3.85 -16.02
C ASP C 345 15.27 -3.63 -17.14
N LEU C 346 16.40 -4.32 -17.07
CA LEU C 346 17.39 -4.34 -18.13
C LEU C 346 17.42 -5.68 -18.81
N SER C 347 17.44 -5.65 -20.14
CA SER C 347 17.60 -6.84 -20.95
C SER C 347 19.09 -7.06 -21.15
N VAL C 348 19.67 -7.98 -20.38
CA VAL C 348 21.10 -8.24 -20.39
C VAL C 348 21.36 -9.49 -21.20
N VAL C 349 22.17 -9.35 -22.25
CA VAL C 349 22.57 -10.48 -23.09
C VAL C 349 24.09 -10.56 -23.07
N LEU C 350 24.61 -11.78 -23.00
CA LEU C 350 26.03 -12.04 -23.19
C LEU C 350 26.22 -12.75 -24.52
N THR C 351 27.44 -12.69 -25.06
CA THR C 351 27.77 -13.57 -26.17
C THR C 351 28.15 -14.95 -25.67
N THR C 352 29.09 -15.02 -24.74
CA THR C 352 29.51 -16.28 -24.12
C THR C 352 29.14 -16.22 -22.65
N ALA C 353 28.33 -17.18 -22.19
CA ALA C 353 27.79 -17.13 -20.84
C ALA C 353 28.64 -17.89 -19.83
N SER C 354 29.67 -18.59 -20.27
CA SER C 354 30.51 -19.35 -19.34
C SER C 354 31.43 -18.47 -18.51
N LYS C 355 31.64 -17.21 -18.91
CA LYS C 355 32.53 -16.30 -18.20
C LYS C 355 31.78 -15.75 -16.99
N LYS C 356 32.30 -16.02 -15.80
CA LYS C 356 31.66 -15.63 -14.55
C LYS C 356 32.36 -14.46 -13.87
N GLN C 357 32.98 -13.57 -14.64
CA GLN C 357 33.48 -12.34 -14.06
C GLN C 357 32.32 -11.41 -13.73
N THR C 358 32.38 -10.84 -12.52
CA THR C 358 31.32 -9.97 -12.02
C THR C 358 31.62 -8.53 -12.41
N THR C 359 30.82 -8.01 -13.34
CA THR C 359 30.87 -6.61 -13.72
C THR C 359 29.56 -5.95 -13.34
N GLY C 360 29.58 -4.64 -13.22
CA GLY C 360 28.42 -3.93 -12.77
C GLY C 360 28.30 -2.58 -13.41
N PHE C 361 27.63 -1.67 -12.70
CA PHE C 361 27.37 -0.33 -13.21
C PHE C 361 27.06 0.59 -12.05
N ASN C 362 26.89 1.87 -12.36
CA ASN C 362 26.51 2.87 -11.39
C ASN C 362 25.16 3.47 -11.77
N ILE C 363 24.42 3.92 -10.77
CA ILE C 363 23.13 4.57 -10.96
C ILE C 363 23.30 6.02 -10.57
N ILE C 364 23.12 6.92 -11.53
CA ILE C 364 23.37 8.34 -11.35
C ILE C 364 22.04 9.07 -11.34
N ALA C 365 21.84 9.96 -10.37
CA ALA C 365 20.59 10.67 -10.20
C ALA C 365 20.82 12.17 -10.22
N ALA C 366 19.75 12.90 -10.55
CA ALA C 366 19.76 14.36 -10.54
C ALA C 366 18.89 14.93 -9.42
N THR C 367 18.54 14.11 -8.43
CA THR C 367 17.77 14.46 -7.23
C THR C 367 16.43 15.12 -7.53
#